data_7BZF
#
_entry.id   7BZF
#
_cell.length_a   1.00
_cell.length_b   1.00
_cell.length_c   1.00
_cell.angle_alpha   90.00
_cell.angle_beta   90.00
_cell.angle_gamma   90.00
#
_symmetry.space_group_name_H-M   'P 1'
#
loop_
_entity.id
_entity.type
_entity.pdbx_description
1 polymer 'RNA-directed RNA polymerase'
2 polymer 'Non-structural protein 8'
3 polymer 'Non-structural protein 7'
4 polymer 'RNA (31-MER)'
5 polymer "RNA (5'-R(*UP*GP*UP*UP*CP*GP*AP*CP*GP*AP*CP*AP*CP*A)-3')"
6 non-polymer 'ZINC ION'
#
loop_
_entity_poly.entity_id
_entity_poly.type
_entity_poly.pdbx_seq_one_letter_code
_entity_poly.pdbx_strand_id
1 'polypeptide(L)'
;SADAQSFLNRVCGVSAARLTPCGTGTSTDVVYRAFDIYNDKVAGFAKFLKTNCCRFQEKDEDDNLIDSYFVVKRHTFSNY
QHEETIYNLLKDCPAVAKHDFFKFRIDGDMVPHISRQRLTKYTMADLVYALRHFDEGNCDTLKEILVTYNCCDDDYFNKK
DWYDFVENPDILRVYANLGERVRQALLKTVQFCDAMRNAGIVGVLTLDNQDLNGNWYDFGDFIQTTPGSGVPVVDSYYSL
LMPILTLTRALTAESHVDTDLTKPYIKWDLLKYDFTEERLKLFDRYFKYWDQTYHPNCVNCLDDRCILHCANFNVLFSTV
FPPTSFGPLVRKIFVDGVPFVVSTGYHFRELGVVHNQDVNLHSSRLSFKELLVYAADPAMHAASGNLLLDKRTTCFSVAA
LTNNVAFQTVKPGNFNKDFYDFAVSKGFFKEGSSVELKHFFFAQDGNAAISDYDYYRYNLPTMCDIRQLLFVVEVVDKYF
DCYDGGCINANQVIVNNLDKSAGFPFNKWGKARLYYDSMSYEDQDALFAYTKRNVIPTITQMNLKYAISAKNRARTVAGV
SICSTMTNRQFHQKLLKSIAATRGATVVIGTSKFYGGWHNMLKTVYSDVENPHLMGWDYPKCDRAMPNMLRIMASLVLAR
KHTTCCSLSHRFYRLANECAQVLSEMVMCGGSLYVKPGGTSSGDATTAYANSVFNICQAVTANVNALLSTDGNKIADKYV
RNLQHRLYECLYRNRDVDTDFVNEFYAYLRKHFSMMILSDDAVVCFNSTYASQGLVASIKNFKSVLYYQNNVFMSEAKCW
TETDLTKGPHEFCSQHTMLVKQGDDYVYLPYPDPSRILGAGCFVDDIVKTDGTLMIERFVSLAIDAYPLTKHPNQEYADV
FHLYLQYIRKLHDELTGHMLDMYSVMLTNDNTSRYWEPEFYEAMYTPHTVLQHHHHHHHHHH
;
A
2 'polypeptide(L)'
;AIASEFSSLPSYAAFATAQEAYEQAVANGDSEVVLKKLKKSLNVAKSEFDRDAAMQRKLEKMADQAMTQMYKQARSEDKR
AKVTSAMQTMLFTMLRKLDNDALNNIINNARDGCVPLNIIPLTTAAKLMVVIPDYNTYKNTCDGTTFTYASALWEIQQVV
DADSKIVQLSEISMDNSPNLAWPLIVTALRANSAVKLQ
;
B,D
3 'polypeptide(L)'
;SKMSDVKCTSVVLLSVLQQLRVESSSKLWAQCVQLHNDILLAKDTTEAFEKMVSLLSVLLSMQGAVDINKLCEEMLDNRA
TLQ
;
C
4 'polyribonucleotide' GGGAGAUGAAAGUCCACCUGUGUCGUCGAAA F
5 'polyribonucleotide' UGUUCGACGACACA G
#
# COMPACT_ATOMS: atom_id res chain seq x y z
N SER A 1 -55.92 -12.94 -6.03
CA SER A 1 -57.07 -13.52 -6.70
C SER A 1 -57.25 -12.94 -8.09
N ALA A 2 -58.51 -12.85 -8.54
CA ALA A 2 -58.79 -12.21 -9.82
C ALA A 2 -58.33 -10.77 -9.84
N ASP A 3 -58.41 -10.07 -8.70
CA ASP A 3 -57.86 -8.72 -8.61
C ASP A 3 -56.36 -8.72 -8.89
N ALA A 4 -55.65 -9.74 -8.39
CA ALA A 4 -54.22 -9.81 -8.65
C ALA A 4 -53.92 -10.05 -10.13
N GLN A 5 -54.67 -10.96 -10.76
CA GLN A 5 -54.43 -11.22 -12.18
C GLN A 5 -54.76 -9.99 -13.02
N SER A 6 -55.82 -9.26 -12.66
CA SER A 6 -56.10 -8.01 -13.35
C SER A 6 -54.98 -7.00 -13.13
N PHE A 7 -54.43 -6.95 -11.91
CA PHE A 7 -53.30 -6.08 -11.65
C PHE A 7 -52.12 -6.43 -12.54
N LEU A 8 -51.87 -7.73 -12.75
CA LEU A 8 -50.78 -8.14 -13.62
C LEU A 8 -51.03 -7.74 -15.08
N ASN A 9 -52.20 -8.09 -15.61
CA ASN A 9 -52.51 -7.76 -17.00
C ASN A 9 -52.61 -6.26 -17.21
N ARG A 10 -52.82 -5.48 -16.14
CA ARG A 10 -52.90 -4.03 -16.25
C ARG A 10 -51.54 -3.36 -16.11
N VAL A 11 -50.64 -3.91 -15.30
CA VAL A 11 -49.28 -3.38 -15.25
C VAL A 11 -48.52 -3.77 -16.51
N CYS A 12 -48.91 -4.86 -17.16
CA CYS A 12 -48.26 -5.25 -18.41
C CYS A 12 -48.41 -4.19 -19.49
N GLY A 13 -49.64 -3.98 -19.97
CA GLY A 13 -49.93 -2.91 -20.89
C GLY A 13 -49.37 -3.11 -22.29
N VAL A 14 -48.04 -2.99 -22.42
CA VAL A 14 -47.38 -3.18 -23.70
C VAL A 14 -46.17 -4.10 -23.63
N SER A 15 -45.61 -4.34 -22.45
CA SER A 15 -44.44 -5.20 -22.32
C SER A 15 -44.88 -6.66 -22.31
N ALA A 16 -43.99 -7.55 -21.87
CA ALA A 16 -44.32 -8.97 -21.82
C ALA A 16 -45.32 -9.25 -20.71
N ALA A 17 -46.30 -10.10 -21.01
CA ALA A 17 -47.34 -10.48 -20.05
C ALA A 17 -46.97 -11.74 -19.29
N ARG A 18 -45.77 -11.77 -18.72
CA ARG A 18 -45.28 -12.92 -17.98
C ARG A 18 -44.58 -12.46 -16.70
N LEU A 19 -45.19 -11.51 -15.99
CA LEU A 19 -44.61 -11.00 -14.76
C LEU A 19 -44.89 -11.96 -13.60
N THR A 20 -44.03 -11.88 -12.58
CA THR A 20 -44.10 -12.77 -11.43
C THR A 20 -44.61 -12.00 -10.22
N PRO A 21 -45.56 -12.55 -9.47
CA PRO A 21 -46.13 -11.81 -8.34
C PRO A 21 -45.17 -11.69 -7.18
N CYS A 22 -44.03 -11.02 -7.38
CA CYS A 22 -43.09 -10.79 -6.29
C CYS A 22 -43.76 -9.96 -5.20
N GLY A 23 -43.71 -10.47 -3.97
CA GLY A 23 -44.41 -9.85 -2.87
C GLY A 23 -45.89 -10.18 -2.88
N THR A 24 -46.73 -9.19 -3.14
CA THR A 24 -48.17 -9.35 -3.14
C THR A 24 -48.74 -8.26 -4.03
N GLY A 25 -50.03 -8.38 -4.37
CA GLY A 25 -50.69 -7.33 -5.11
C GLY A 25 -50.55 -5.97 -4.46
N THR A 26 -50.63 -5.92 -3.13
CA THR A 26 -50.37 -4.69 -2.41
C THR A 26 -48.88 -4.34 -2.49
N SER A 27 -48.54 -3.16 -1.98
CA SER A 27 -47.15 -2.72 -2.00
C SER A 27 -46.30 -3.67 -1.16
N THR A 28 -45.33 -4.31 -1.79
CA THR A 28 -44.44 -5.21 -1.08
C THR A 28 -43.43 -4.47 -0.22
N ASP A 29 -43.30 -3.16 -0.43
CA ASP A 29 -42.51 -2.23 0.41
C ASP A 29 -41.21 -2.88 0.92
N VAL A 30 -40.47 -3.47 -0.01
CA VAL A 30 -39.26 -4.22 0.30
C VAL A 30 -38.33 -3.35 1.15
N VAL A 31 -37.78 -3.96 2.20
CA VAL A 31 -37.07 -3.19 3.21
C VAL A 31 -35.67 -2.82 2.71
N TYR A 32 -35.16 -1.71 3.26
CA TYR A 32 -33.73 -1.40 3.26
C TYR A 32 -33.18 -1.27 1.84
N ARG A 33 -33.66 -0.25 1.14
CA ARG A 33 -33.05 0.21 -0.10
C ARG A 33 -32.42 1.58 0.15
N ALA A 34 -31.11 1.66 -0.03
CA ALA A 34 -30.37 2.87 0.28
C ALA A 34 -30.81 4.03 -0.62
N PHE A 35 -31.40 5.05 -0.02
CA PHE A 35 -31.86 6.23 -0.74
C PHE A 35 -30.83 7.33 -0.68
N ASP A 36 -31.03 8.35 -1.51
CA ASP A 36 -30.28 9.60 -1.46
C ASP A 36 -31.30 10.73 -1.50
N ILE A 37 -31.81 11.10 -0.32
CA ILE A 37 -32.89 12.09 -0.23
C ILE A 37 -32.35 13.35 0.41
N TYR A 38 -32.96 14.48 0.05
CA TYR A 38 -32.66 15.76 0.67
C TYR A 38 -33.91 16.62 0.62
N ASN A 39 -34.52 16.85 1.78
CA ASN A 39 -35.62 17.80 1.90
C ASN A 39 -35.40 18.63 3.15
N ASP A 40 -36.41 19.40 3.57
CA ASP A 40 -36.21 20.31 4.69
C ASP A 40 -36.09 19.58 6.02
N LYS A 41 -36.54 18.34 6.11
CA LYS A 41 -36.43 17.58 7.35
C LYS A 41 -35.18 16.69 7.37
N VAL A 42 -35.09 15.76 6.44
CA VAL A 42 -34.02 14.78 6.42
C VAL A 42 -33.04 15.12 5.31
N ALA A 43 -31.78 14.71 5.50
CA ALA A 43 -30.78 14.84 4.47
C ALA A 43 -29.80 13.67 4.60
N GLY A 44 -29.06 13.42 3.53
CA GLY A 44 -27.95 12.49 3.57
C GLY A 44 -28.05 11.42 2.52
N PHE A 45 -27.10 10.49 2.59
CA PHE A 45 -26.99 9.33 1.71
C PHE A 45 -27.12 8.12 2.64
N ALA A 46 -28.35 7.71 2.90
CA ALA A 46 -28.66 6.78 3.97
C ALA A 46 -29.43 5.58 3.41
N LYS A 47 -29.94 4.77 4.33
CA LYS A 47 -30.58 3.49 4.00
C LYS A 47 -31.98 3.42 4.61
N PHE A 48 -32.81 4.41 4.30
CA PHE A 48 -34.17 4.43 4.80
C PHE A 48 -34.96 3.21 4.31
N LEU A 49 -36.12 3.02 4.92
CA LEU A 49 -36.98 1.87 4.64
C LEU A 49 -38.05 2.30 3.64
N LYS A 50 -37.99 1.74 2.44
CA LYS A 50 -38.98 2.06 1.41
C LYS A 50 -40.35 1.54 1.81
N THR A 51 -41.39 2.27 1.42
CA THR A 51 -42.77 1.91 1.74
C THR A 51 -43.71 1.91 0.55
N ASN A 52 -43.38 2.58 -0.55
CA ASN A 52 -44.30 2.72 -1.66
C ASN A 52 -44.05 1.72 -2.78
N CYS A 53 -42.88 1.09 -2.83
CA CYS A 53 -42.54 0.21 -3.92
C CYS A 53 -43.40 -1.05 -3.90
N CYS A 54 -43.47 -1.70 -5.07
CA CYS A 54 -43.97 -3.08 -5.18
C CYS A 54 -43.22 -3.70 -6.35
N ARG A 55 -42.12 -4.38 -6.04
CA ARG A 55 -41.13 -4.74 -7.04
C ARG A 55 -41.53 -6.03 -7.76
N PHE A 56 -42.49 -5.90 -8.67
CA PHE A 56 -42.84 -7.01 -9.56
C PHE A 56 -41.63 -7.41 -10.40
N GLN A 57 -41.73 -8.58 -11.03
CA GLN A 57 -40.61 -9.09 -11.80
C GLN A 57 -41.09 -9.92 -12.98
N GLU A 58 -40.55 -9.65 -14.16
CA GLU A 58 -40.78 -10.51 -15.31
C GLU A 58 -39.78 -11.66 -15.29
N LYS A 59 -40.21 -12.80 -15.82
CA LYS A 59 -39.36 -13.97 -15.94
C LYS A 59 -38.97 -14.17 -17.40
N ASP A 60 -37.70 -14.50 -17.62
CA ASP A 60 -37.20 -14.71 -18.97
C ASP A 60 -37.76 -16.02 -19.52
N GLU A 61 -37.33 -16.35 -20.73
CA GLU A 61 -37.78 -17.58 -21.36
C GLU A 61 -37.38 -18.79 -20.52
N ASP A 62 -38.12 -19.89 -20.70
CA ASP A 62 -37.93 -21.14 -19.97
C ASP A 62 -38.22 -20.98 -18.48
N ASP A 63 -39.15 -20.08 -18.14
CA ASP A 63 -39.60 -19.88 -16.77
C ASP A 63 -38.47 -19.54 -15.81
N ASN A 64 -37.47 -18.79 -16.30
CA ASN A 64 -36.33 -18.37 -15.50
C ASN A 64 -36.46 -16.89 -15.21
N LEU A 65 -36.41 -16.54 -13.92
CA LEU A 65 -36.49 -15.14 -13.53
C LEU A 65 -35.30 -14.37 -14.07
N ILE A 66 -35.55 -13.11 -14.46
CA ILE A 66 -34.55 -12.29 -15.11
C ILE A 66 -34.39 -10.99 -14.32
N ASP A 67 -33.22 -10.37 -14.47
CA ASP A 67 -32.90 -9.11 -13.79
C ASP A 67 -33.66 -7.95 -14.44
N SER A 68 -34.96 -7.85 -14.15
CA SER A 68 -35.79 -6.76 -14.65
C SER A 68 -37.04 -6.67 -13.79
N TYR A 69 -37.24 -5.51 -13.16
CA TYR A 69 -38.39 -5.30 -12.30
C TYR A 69 -39.22 -4.13 -12.79
N PHE A 70 -40.53 -4.19 -12.53
CA PHE A 70 -41.44 -3.08 -12.75
C PHE A 70 -41.89 -2.60 -11.37
N VAL A 71 -41.39 -1.43 -10.96
CA VAL A 71 -41.63 -0.92 -9.60
C VAL A 71 -42.97 -0.19 -9.62
N VAL A 72 -44.04 -0.95 -9.40
CA VAL A 72 -45.39 -0.36 -9.35
C VAL A 72 -45.58 0.32 -7.99
N LYS A 73 -45.70 1.64 -8.01
CA LYS A 73 -45.86 2.44 -6.82
C LYS A 73 -47.32 2.86 -6.66
N ARG A 74 -47.59 3.75 -5.71
CA ARG A 74 -48.94 4.24 -5.41
C ARG A 74 -48.95 5.76 -5.39
N HIS A 75 -48.42 6.37 -6.46
CA HIS A 75 -48.28 7.82 -6.54
C HIS A 75 -49.65 8.51 -6.51
N THR A 76 -49.60 9.81 -6.26
CA THR A 76 -50.78 10.67 -6.24
C THR A 76 -50.91 11.42 -7.56
N PHE A 77 -52.07 12.05 -7.75
CA PHE A 77 -52.37 12.69 -9.03
C PHE A 77 -51.43 13.86 -9.31
N SER A 78 -51.07 14.61 -8.27
CA SER A 78 -50.22 15.79 -8.46
C SER A 78 -48.86 15.39 -9.02
N ASN A 79 -48.12 14.57 -8.28
CA ASN A 79 -46.80 14.15 -8.75
C ASN A 79 -46.89 13.30 -10.01
N TYR A 80 -48.00 12.59 -10.20
CA TYR A 80 -48.19 11.84 -11.44
C TYR A 80 -48.22 12.78 -12.64
N GLN A 81 -49.04 13.83 -12.55
CA GLN A 81 -49.11 14.79 -13.65
C GLN A 81 -47.77 15.50 -13.84
N HIS A 82 -47.10 15.84 -12.74
CA HIS A 82 -45.78 16.45 -12.83
C HIS A 82 -44.81 15.56 -13.59
N GLU A 83 -44.77 14.28 -13.24
CA GLU A 83 -43.84 13.35 -13.87
C GLU A 83 -44.18 13.15 -15.33
N GLU A 84 -45.46 13.04 -15.67
CA GLU A 84 -45.84 12.91 -17.07
C GLU A 84 -45.43 14.14 -17.86
N THR A 85 -45.63 15.33 -17.29
CA THR A 85 -45.33 16.57 -17.98
C THR A 85 -43.83 16.84 -18.09
N ILE A 86 -43.00 16.16 -17.30
CA ILE A 86 -41.55 16.24 -17.48
C ILE A 86 -40.98 14.99 -18.12
N TYR A 87 -41.81 13.99 -18.42
CA TYR A 87 -41.39 12.80 -19.15
C TYR A 87 -41.75 12.87 -20.62
N ASN A 88 -42.82 13.58 -20.98
CA ASN A 88 -43.12 13.81 -22.38
C ASN A 88 -42.06 14.65 -23.07
N LEU A 89 -41.27 15.42 -22.31
CA LEU A 89 -40.14 16.14 -22.89
C LEU A 89 -38.98 15.22 -23.20
N LEU A 90 -38.80 14.19 -22.37
CA LEU A 90 -37.60 13.36 -22.38
C LEU A 90 -37.86 11.95 -22.90
N LYS A 91 -39.03 11.71 -23.48
CA LYS A 91 -39.41 10.39 -23.98
C LYS A 91 -38.59 9.96 -25.20
N ASP A 92 -37.61 10.74 -25.63
CA ASP A 92 -36.84 10.46 -26.85
C ASP A 92 -35.42 9.97 -26.57
N CYS A 93 -34.76 10.51 -25.55
CA CYS A 93 -33.42 10.08 -25.23
C CYS A 93 -33.43 8.64 -24.71
N PRO A 94 -32.29 7.94 -24.76
CA PRO A 94 -32.30 6.53 -24.34
C PRO A 94 -32.44 6.35 -22.84
N ALA A 95 -31.79 7.20 -22.03
CA ALA A 95 -31.76 6.99 -20.59
C ALA A 95 -33.06 7.39 -19.92
N VAL A 96 -34.18 6.85 -20.40
CA VAL A 96 -35.47 7.04 -19.76
C VAL A 96 -36.22 5.72 -19.76
N ALA A 97 -36.24 5.05 -18.61
CA ALA A 97 -37.12 3.91 -18.42
C ALA A 97 -38.55 4.32 -18.72
N LYS A 98 -39.24 3.50 -19.51
CA LYS A 98 -40.54 3.88 -20.06
C LYS A 98 -41.57 3.84 -18.95
N HIS A 99 -41.63 4.94 -18.19
CA HIS A 99 -42.44 5.08 -16.99
C HIS A 99 -43.83 4.45 -17.10
N ASP A 100 -44.46 4.58 -18.25
CA ASP A 100 -45.76 3.96 -18.53
C ASP A 100 -46.79 4.32 -17.46
N PHE A 101 -47.09 5.62 -17.41
CA PHE A 101 -48.13 6.10 -16.51
C PHE A 101 -49.50 5.59 -16.95
N PHE A 102 -50.34 5.28 -15.98
CA PHE A 102 -51.72 4.87 -16.23
C PHE A 102 -52.49 4.94 -14.91
N LYS A 103 -53.73 4.45 -14.93
CA LYS A 103 -54.60 4.51 -13.77
C LYS A 103 -55.30 3.18 -13.56
N PHE A 104 -55.80 3.00 -12.35
CA PHE A 104 -56.64 1.88 -11.95
C PHE A 104 -57.42 2.33 -10.72
N ARG A 105 -58.01 1.39 -9.98
CA ARG A 105 -58.64 1.68 -8.70
C ARG A 105 -58.16 0.65 -7.67
N ILE A 106 -56.99 0.87 -7.08
CA ILE A 106 -56.54 -0.06 -6.05
C ILE A 106 -56.91 0.50 -4.68
N ASP A 107 -58.19 0.48 -4.35
CA ASP A 107 -58.69 0.38 -3.00
C ASP A 107 -60.05 -0.30 -2.96
N GLY A 108 -60.54 -0.76 -4.11
CA GLY A 108 -61.95 -0.89 -4.37
C GLY A 108 -62.52 0.25 -5.19
N ASP A 109 -61.89 1.43 -5.14
CA ASP A 109 -62.35 2.59 -5.91
C ASP A 109 -61.35 3.74 -5.97
N MET A 110 -61.08 4.24 -7.18
CA MET A 110 -60.51 5.56 -7.44
C MET A 110 -59.16 5.76 -6.73
N VAL A 111 -58.15 5.01 -7.20
CA VAL A 111 -56.79 5.12 -6.69
C VAL A 111 -55.81 5.14 -7.85
N PRO A 112 -54.99 6.18 -8.00
CA PRO A 112 -54.01 6.23 -9.07
C PRO A 112 -52.68 5.62 -8.65
N HIS A 113 -51.94 5.14 -9.65
CA HIS A 113 -50.66 4.49 -9.38
C HIS A 113 -49.85 4.39 -10.67
N ILE A 114 -48.54 4.20 -10.51
CA ILE A 114 -47.61 4.16 -11.63
C ILE A 114 -47.00 2.76 -11.68
N SER A 115 -46.35 2.45 -12.82
CA SER A 115 -45.78 1.12 -13.01
C SER A 115 -44.62 1.23 -14.00
N ARG A 116 -43.40 1.00 -13.51
CA ARG A 116 -42.18 1.31 -14.25
C ARG A 116 -41.94 0.28 -15.37
N GLN A 117 -40.77 0.35 -16.01
CA GLN A 117 -40.46 -0.53 -17.14
C GLN A 117 -38.98 -0.88 -17.14
N ARG A 118 -38.68 -2.13 -16.77
CA ARG A 118 -37.40 -2.80 -17.06
C ARG A 118 -36.20 -2.09 -16.46
N LEU A 119 -36.37 -1.49 -15.29
CA LEU A 119 -35.28 -0.75 -14.69
C LEU A 119 -34.11 -1.66 -14.33
N THR A 120 -34.28 -2.44 -13.25
CA THR A 120 -33.36 -3.44 -12.71
C THR A 120 -33.99 -4.10 -11.50
N LYS A 121 -33.29 -5.04 -10.87
CA LYS A 121 -33.61 -5.39 -9.50
C LYS A 121 -33.02 -4.36 -8.53
N TYR A 122 -31.71 -4.23 -8.54
CA TYR A 122 -31.00 -3.33 -7.64
C TYR A 122 -30.61 -2.06 -8.37
N THR A 123 -30.44 -0.99 -7.59
CA THR A 123 -30.31 0.35 -8.12
C THR A 123 -28.84 0.79 -8.10
N MET A 124 -28.54 1.79 -8.94
CA MET A 124 -27.21 2.38 -8.93
C MET A 124 -26.86 2.91 -7.55
N ALA A 125 -27.86 3.42 -6.83
CA ALA A 125 -27.64 3.86 -5.46
C ALA A 125 -27.22 2.70 -4.58
N ASP A 126 -27.83 1.52 -4.79
CA ASP A 126 -27.42 0.34 -4.02
C ASP A 126 -26.01 -0.08 -4.37
N LEU A 127 -25.65 -0.05 -5.65
CA LEU A 127 -24.27 -0.33 -6.04
C LEU A 127 -23.31 0.56 -5.28
N VAL A 128 -23.50 1.89 -5.39
CA VAL A 128 -22.60 2.83 -4.76
C VAL A 128 -22.59 2.66 -3.25
N TYR A 129 -23.76 2.45 -2.65
CA TYR A 129 -23.85 2.27 -1.21
C TYR A 129 -23.09 1.04 -0.76
N ALA A 130 -23.51 -0.14 -1.24
CA ALA A 130 -22.85 -1.38 -0.85
C ALA A 130 -21.36 -1.39 -1.17
N LEU A 131 -20.91 -0.56 -2.11
CA LEU A 131 -19.48 -0.47 -2.34
C LEU A 131 -18.80 0.48 -1.35
N ARG A 132 -19.52 1.49 -0.85
CA ARG A 132 -18.93 2.43 0.10
C ARG A 132 -18.99 1.92 1.54
N HIS A 133 -20.19 1.59 2.02
CA HIS A 133 -20.40 1.15 3.39
C HIS A 133 -20.29 -0.37 3.42
N PHE A 134 -19.04 -0.83 3.41
CA PHE A 134 -18.74 -2.25 3.26
C PHE A 134 -18.69 -2.93 4.63
N ASP A 135 -19.46 -4.01 4.78
CA ASP A 135 -19.45 -4.84 5.97
C ASP A 135 -19.02 -6.24 5.56
N GLU A 136 -18.06 -6.80 6.29
CA GLU A 136 -17.53 -8.11 5.94
C GLU A 136 -18.56 -9.23 6.17
N GLY A 137 -19.55 -9.01 7.01
CA GLY A 137 -20.54 -10.03 7.29
C GLY A 137 -21.96 -9.56 7.12
N ASN A 138 -22.17 -8.52 6.32
CA ASN A 138 -23.51 -8.03 6.03
C ASN A 138 -23.73 -7.70 4.57
N CYS A 139 -22.71 -7.83 3.72
CA CYS A 139 -22.81 -7.47 2.31
C CYS A 139 -23.63 -8.52 1.58
N ASP A 140 -24.96 -8.35 1.64
CA ASP A 140 -25.87 -9.22 0.91
C ASP A 140 -26.21 -8.66 -0.46
N THR A 141 -26.45 -7.35 -0.57
CA THR A 141 -26.61 -6.73 -1.87
C THR A 141 -25.27 -6.24 -2.41
N LEU A 142 -24.27 -7.10 -2.27
CA LEU A 142 -23.01 -7.04 -3.01
C LEU A 142 -22.55 -8.40 -3.47
N LYS A 143 -23.05 -9.49 -2.88
CA LYS A 143 -22.90 -10.83 -3.42
C LYS A 143 -23.95 -11.14 -4.47
N GLU A 144 -24.79 -10.17 -4.82
CA GLU A 144 -25.78 -10.32 -5.87
C GLU A 144 -25.53 -9.41 -7.06
N ILE A 145 -25.02 -8.20 -6.82
CA ILE A 145 -24.60 -7.34 -7.92
C ILE A 145 -23.48 -8.00 -8.71
N LEU A 146 -22.52 -8.61 -8.01
CA LEU A 146 -21.41 -9.27 -8.66
C LEU A 146 -21.82 -10.55 -9.39
N VAL A 147 -22.96 -11.14 -9.02
CA VAL A 147 -23.35 -12.45 -9.53
C VAL A 147 -24.36 -12.33 -10.67
N THR A 148 -25.41 -11.52 -10.49
CA THR A 148 -26.44 -11.41 -11.51
C THR A 148 -25.97 -10.72 -12.77
N TYR A 149 -24.70 -10.29 -12.84
CA TYR A 149 -24.17 -9.61 -14.00
C TYR A 149 -22.98 -10.34 -14.59
N ASN A 150 -22.91 -11.65 -14.37
CA ASN A 150 -21.91 -12.54 -14.96
C ASN A 150 -20.48 -12.16 -14.57
N CYS A 151 -20.31 -11.32 -13.56
CA CYS A 151 -18.98 -10.88 -13.18
C CYS A 151 -18.19 -11.98 -12.50
N CYS A 152 -18.85 -12.77 -11.65
CA CYS A 152 -18.20 -13.88 -10.97
C CYS A 152 -19.24 -14.97 -10.73
N ASP A 153 -18.91 -15.92 -9.86
CA ASP A 153 -19.79 -17.02 -9.53
C ASP A 153 -20.16 -16.95 -8.05
N ASP A 154 -21.20 -17.69 -7.68
CA ASP A 154 -21.64 -17.70 -6.28
C ASP A 154 -20.57 -18.31 -5.38
N ASP A 155 -19.99 -19.44 -5.81
CA ASP A 155 -19.00 -20.13 -5.00
C ASP A 155 -17.70 -19.37 -4.85
N TYR A 156 -17.56 -18.19 -5.46
CA TYR A 156 -16.38 -17.37 -5.23
C TYR A 156 -16.39 -16.77 -3.82
N PHE A 157 -17.55 -16.72 -3.18
CA PHE A 157 -17.66 -16.15 -1.84
C PHE A 157 -17.45 -17.16 -0.73
N ASN A 158 -17.73 -18.44 -1.00
CA ASN A 158 -17.40 -19.48 -0.03
C ASN A 158 -15.90 -19.54 0.21
N LYS A 159 -15.10 -19.11 -0.76
CA LYS A 159 -13.68 -18.85 -0.53
C LYS A 159 -13.55 -17.73 0.47
N LYS A 160 -13.04 -18.04 1.66
CA LYS A 160 -12.83 -17.00 2.66
C LYS A 160 -11.78 -16.01 2.14
N ASP A 161 -11.91 -14.76 2.59
CA ASP A 161 -11.09 -13.63 2.15
C ASP A 161 -11.43 -13.18 0.74
N TRP A 162 -12.64 -13.50 0.26
CA TRP A 162 -13.04 -13.14 -1.09
C TRP A 162 -13.09 -11.64 -1.32
N TYR A 163 -13.23 -10.85 -0.25
CA TYR A 163 -13.48 -9.42 -0.37
C TYR A 163 -12.23 -8.57 -0.19
N ASP A 164 -11.14 -9.15 0.32
CA ASP A 164 -9.97 -8.37 0.67
C ASP A 164 -9.29 -7.83 -0.58
N PHE A 165 -8.39 -6.86 -0.38
CA PHE A 165 -7.58 -6.29 -1.43
C PHE A 165 -6.11 -6.69 -1.35
N VAL A 166 -5.48 -6.52 -0.19
CA VAL A 166 -4.07 -6.86 -0.05
C VAL A 166 -3.82 -8.35 -0.09
N GLU A 167 -4.88 -9.16 -0.09
CA GLU A 167 -4.81 -10.59 -0.33
C GLU A 167 -6.06 -11.00 -1.09
N ASN A 168 -5.88 -11.91 -2.06
CA ASN A 168 -6.86 -12.20 -3.09
C ASN A 168 -7.14 -10.92 -3.89
N PRO A 169 -6.21 -10.46 -4.72
CA PRO A 169 -6.45 -9.27 -5.53
C PRO A 169 -7.19 -9.54 -6.83
N ASP A 170 -7.73 -10.74 -7.03
CA ASP A 170 -8.56 -11.01 -8.20
C ASP A 170 -9.94 -10.36 -8.06
N ILE A 171 -10.30 -9.96 -6.83
CA ILE A 171 -11.51 -9.17 -6.65
C ILE A 171 -11.45 -7.89 -7.45
N LEU A 172 -10.23 -7.39 -7.73
CA LEU A 172 -10.11 -6.24 -8.61
C LEU A 172 -10.66 -6.55 -9.99
N ARG A 173 -10.36 -7.74 -10.51
CA ARG A 173 -10.94 -8.15 -11.79
C ARG A 173 -12.44 -8.34 -11.69
N VAL A 174 -12.90 -8.96 -10.59
CA VAL A 174 -14.33 -9.23 -10.46
C VAL A 174 -15.12 -7.92 -10.37
N TYR A 175 -14.55 -6.89 -9.75
CA TYR A 175 -15.19 -5.57 -9.74
C TYR A 175 -15.11 -4.91 -11.11
N ALA A 176 -13.89 -4.84 -11.67
CA ALA A 176 -13.68 -4.21 -12.97
C ALA A 176 -14.55 -4.81 -14.06
N ASN A 177 -15.11 -6.01 -13.83
CA ASN A 177 -16.06 -6.54 -14.80
C ASN A 177 -17.35 -5.73 -14.91
N LEU A 178 -17.58 -4.74 -14.03
CA LEU A 178 -18.72 -3.84 -14.13
C LEU A 178 -18.39 -2.54 -14.87
N GLY A 179 -17.19 -2.42 -15.42
CA GLY A 179 -16.77 -1.17 -16.01
C GLY A 179 -17.63 -0.77 -17.19
N GLU A 180 -17.96 -1.72 -18.06
CA GLU A 180 -18.78 -1.39 -19.23
C GLU A 180 -20.17 -0.93 -18.80
N ARG A 181 -20.72 -1.53 -17.74
CA ARG A 181 -22.02 -1.10 -17.24
C ARG A 181 -21.96 0.33 -16.71
N VAL A 182 -20.93 0.62 -15.90
CA VAL A 182 -20.82 1.98 -15.37
C VAL A 182 -20.57 2.99 -16.49
N ARG A 183 -19.85 2.60 -17.53
CA ARG A 183 -19.61 3.50 -18.65
C ARG A 183 -20.88 3.75 -19.43
N GLN A 184 -21.71 2.71 -19.61
CA GLN A 184 -23.02 2.93 -20.21
C GLN A 184 -23.86 3.87 -19.37
N ALA A 185 -23.73 3.77 -18.04
CA ALA A 185 -24.44 4.70 -17.17
C ALA A 185 -23.98 6.13 -17.41
N LEU A 186 -22.67 6.35 -17.50
CA LEU A 186 -22.16 7.70 -17.79
C LEU A 186 -22.67 8.22 -19.13
N LEU A 187 -22.54 7.41 -20.18
CA LEU A 187 -23.04 7.77 -21.50
C LEU A 187 -24.50 8.17 -21.43
N LYS A 188 -25.32 7.34 -20.77
CA LYS A 188 -26.75 7.58 -20.75
C LYS A 188 -27.10 8.82 -19.96
N THR A 189 -26.38 9.07 -18.86
CA THR A 189 -26.59 10.30 -18.11
C THR A 189 -26.26 11.52 -18.95
N VAL A 190 -25.27 11.40 -19.84
CA VAL A 190 -24.97 12.55 -20.70
C VAL A 190 -26.03 12.73 -21.77
N GLN A 191 -26.44 11.63 -22.44
CA GLN A 191 -27.54 11.72 -23.39
C GLN A 191 -28.84 12.12 -22.71
N PHE A 192 -28.89 12.14 -21.38
CA PHE A 192 -30.03 12.67 -20.67
C PHE A 192 -29.88 14.13 -20.28
N CYS A 193 -28.72 14.51 -19.73
CA CYS A 193 -28.47 15.91 -19.41
C CYS A 193 -28.61 16.80 -20.63
N ASP A 194 -28.03 16.39 -21.75
CA ASP A 194 -28.14 17.21 -22.95
C ASP A 194 -29.56 17.17 -23.51
N ALA A 195 -30.26 16.04 -23.36
CA ALA A 195 -31.65 15.99 -23.80
C ALA A 195 -32.53 16.90 -22.97
N MET A 196 -32.15 17.15 -21.72
CA MET A 196 -32.88 18.08 -20.87
C MET A 196 -32.57 19.53 -21.23
N ARG A 197 -31.28 19.86 -21.34
CA ARG A 197 -30.90 21.21 -21.75
C ARG A 197 -31.57 21.58 -23.07
N ASN A 198 -31.37 20.76 -24.10
CA ASN A 198 -31.95 21.04 -25.41
C ASN A 198 -33.47 20.94 -25.43
N ALA A 199 -34.12 20.61 -24.29
CA ALA A 199 -35.56 20.58 -24.21
C ALA A 199 -36.12 21.44 -23.08
N GLY A 200 -35.27 22.11 -22.31
CA GLY A 200 -35.74 23.04 -21.31
C GLY A 200 -36.34 22.42 -20.06
N ILE A 201 -35.52 21.71 -19.29
CA ILE A 201 -35.98 21.04 -18.08
C ILE A 201 -34.99 21.29 -16.95
N VAL A 202 -35.34 22.18 -16.03
CA VAL A 202 -34.47 22.55 -14.92
C VAL A 202 -34.84 21.72 -13.70
N GLY A 203 -33.84 21.08 -13.10
CA GLY A 203 -34.06 20.23 -11.94
C GLY A 203 -32.80 19.59 -11.41
N VAL A 204 -32.92 18.44 -10.76
CA VAL A 204 -31.80 17.80 -10.07
C VAL A 204 -31.73 16.34 -10.52
N LEU A 205 -30.53 15.78 -10.47
CA LEU A 205 -30.29 14.37 -10.81
C LEU A 205 -29.67 13.68 -9.61
N THR A 206 -30.29 12.58 -9.17
CA THR A 206 -29.83 11.84 -8.02
C THR A 206 -29.48 10.40 -8.41
N LEU A 207 -28.76 9.72 -7.52
CA LEU A 207 -28.27 8.38 -7.83
C LEU A 207 -29.40 7.36 -7.86
N ASP A 208 -30.25 7.36 -6.83
CA ASP A 208 -31.30 6.36 -6.73
C ASP A 208 -32.37 6.49 -7.80
N ASN A 209 -32.26 7.45 -8.72
CA ASN A 209 -33.20 7.59 -9.82
C ASN A 209 -32.66 7.02 -11.12
N GLN A 210 -31.45 6.47 -11.11
CA GLN A 210 -30.94 5.68 -12.21
C GLN A 210 -31.13 4.20 -11.90
N ASP A 211 -30.54 3.34 -12.72
CA ASP A 211 -30.55 1.90 -12.50
C ASP A 211 -29.45 1.27 -13.31
N LEU A 212 -29.00 0.09 -12.85
CA LEU A 212 -27.79 -0.53 -13.38
C LEU A 212 -27.86 -0.75 -14.89
N ASN A 213 -29.05 -0.99 -15.42
CA ASN A 213 -29.19 -1.10 -16.87
C ASN A 213 -29.03 0.24 -17.59
N GLY A 214 -28.73 1.32 -16.85
CA GLY A 214 -28.56 2.63 -17.43
C GLY A 214 -29.79 3.51 -17.37
N ASN A 215 -30.98 2.92 -17.29
CA ASN A 215 -32.22 3.67 -17.34
C ASN A 215 -32.33 4.66 -16.19
N TRP A 216 -33.22 5.62 -16.35
CA TRP A 216 -33.53 6.63 -15.34
C TRP A 216 -35.01 6.58 -15.02
N TYR A 217 -35.38 7.17 -13.88
CA TYR A 217 -36.79 7.21 -13.51
C TYR A 217 -36.96 8.24 -12.39
N ASP A 218 -38.20 8.35 -11.90
CA ASP A 218 -38.58 9.32 -10.86
C ASP A 218 -38.31 10.75 -11.32
N PHE A 219 -39.03 11.16 -12.36
CA PHE A 219 -38.89 12.50 -12.93
C PHE A 219 -39.93 13.42 -12.30
N GLY A 220 -39.79 13.63 -11.01
CA GLY A 220 -40.73 14.47 -10.28
C GLY A 220 -40.15 15.72 -9.68
N ASP A 221 -38.88 15.66 -9.27
CA ASP A 221 -38.21 16.81 -8.68
C ASP A 221 -37.80 17.87 -9.69
N PHE A 222 -38.27 17.74 -10.93
CA PHE A 222 -37.98 18.70 -11.99
C PHE A 222 -39.02 19.83 -11.96
N ILE A 223 -38.91 20.74 -12.93
CA ILE A 223 -39.95 21.74 -13.18
C ILE A 223 -39.73 22.29 -14.58
N GLN A 224 -40.82 22.55 -15.28
CA GLN A 224 -40.76 22.92 -16.69
C GLN A 224 -40.64 24.43 -16.85
N THR A 225 -39.93 24.84 -17.90
CA THR A 225 -39.72 26.25 -18.22
C THR A 225 -39.78 26.40 -19.73
N THR A 226 -39.35 27.55 -20.23
CA THR A 226 -39.27 27.78 -21.67
C THR A 226 -38.27 26.80 -22.27
N PRO A 227 -38.71 25.91 -23.14
CA PRO A 227 -37.81 24.85 -23.63
C PRO A 227 -36.59 25.42 -24.34
N GLY A 228 -35.46 24.75 -24.15
CA GLY A 228 -34.18 25.19 -24.67
C GLY A 228 -33.25 25.77 -23.64
N SER A 229 -33.73 26.02 -22.43
CA SER A 229 -32.95 26.70 -21.41
C SER A 229 -32.70 25.88 -20.16
N GLY A 230 -33.58 24.94 -19.81
CA GLY A 230 -33.52 24.23 -18.55
C GLY A 230 -32.26 23.42 -18.32
N VAL A 231 -31.60 23.66 -17.20
CA VAL A 231 -30.34 23.00 -16.86
C VAL A 231 -30.55 22.06 -15.68
N PRO A 232 -30.04 20.82 -15.73
CA PRO A 232 -30.14 19.93 -14.57
C PRO A 232 -28.97 20.09 -13.60
N VAL A 233 -29.31 20.09 -12.32
CA VAL A 233 -28.34 20.19 -11.23
C VAL A 233 -27.79 18.78 -10.99
N VAL A 234 -26.59 18.52 -11.52
CA VAL A 234 -26.08 17.15 -11.58
C VAL A 234 -24.81 17.00 -10.74
N ASP A 235 -24.71 17.81 -9.67
CA ASP A 235 -23.56 17.70 -8.79
C ASP A 235 -23.60 16.43 -7.96
N SER A 236 -24.77 16.10 -7.38
CA SER A 236 -24.87 14.99 -6.45
C SER A 236 -24.59 13.66 -7.13
N TYR A 237 -25.21 13.44 -8.28
CA TYR A 237 -25.01 12.18 -9.01
C TYR A 237 -23.54 11.93 -9.28
N TYR A 238 -22.88 12.86 -9.98
CA TYR A 238 -21.49 12.66 -10.34
C TYR A 238 -20.60 12.56 -9.12
N SER A 239 -20.87 13.37 -8.09
CA SER A 239 -20.01 13.33 -6.90
C SER A 239 -20.08 11.97 -6.22
N LEU A 240 -21.30 11.49 -5.94
CA LEU A 240 -21.43 10.21 -5.26
C LEU A 240 -21.07 9.03 -6.14
N LEU A 241 -21.06 9.19 -7.46
CA LEU A 241 -20.65 8.12 -8.36
C LEU A 241 -19.15 8.04 -8.56
N MET A 242 -18.45 9.17 -8.42
CA MET A 242 -17.01 9.20 -8.71
C MET A 242 -16.19 8.09 -8.07
N PRO A 243 -16.26 7.83 -6.76
CA PRO A 243 -15.30 6.90 -6.15
C PRO A 243 -15.35 5.48 -6.68
N ILE A 244 -16.34 5.11 -7.49
CA ILE A 244 -16.39 3.79 -8.10
C ILE A 244 -16.07 3.83 -9.58
N LEU A 245 -15.79 5.01 -10.14
CA LEU A 245 -15.34 5.07 -11.53
C LEU A 245 -13.93 4.54 -11.69
N THR A 246 -13.14 4.53 -10.63
CA THR A 246 -11.82 3.91 -10.64
C THR A 246 -11.77 2.64 -9.81
N LEU A 247 -12.92 2.19 -9.30
CA LEU A 247 -13.03 0.87 -8.69
C LEU A 247 -13.59 -0.16 -9.67
N THR A 248 -14.32 0.29 -10.68
CA THR A 248 -14.77 -0.57 -11.76
C THR A 248 -14.12 -0.22 -13.10
N ARG A 249 -13.37 0.88 -13.17
CA ARG A 249 -12.65 1.31 -14.37
C ARG A 249 -13.62 1.50 -15.53
N ALA A 250 -14.50 2.49 -15.37
CA ALA A 250 -15.48 2.82 -16.39
C ALA A 250 -14.85 3.36 -17.67
N LEU A 251 -13.55 3.66 -17.66
CA LEU A 251 -12.85 4.12 -18.85
C LEU A 251 -11.81 3.10 -19.31
N THR A 252 -12.17 1.82 -19.26
CA THR A 252 -11.33 0.76 -19.78
C THR A 252 -11.64 0.42 -21.23
N ALA A 253 -12.56 1.15 -21.85
CA ALA A 253 -12.94 0.91 -23.23
C ALA A 253 -12.65 2.09 -24.14
N GLU A 254 -12.12 3.19 -23.61
CA GLU A 254 -11.68 4.28 -24.46
C GLU A 254 -10.31 4.04 -25.07
N SER A 255 -9.59 3.01 -24.62
CA SER A 255 -8.30 2.64 -25.17
C SER A 255 -8.41 1.74 -26.37
N HIS A 256 -9.57 1.72 -27.04
CA HIS A 256 -9.81 0.85 -28.17
C HIS A 256 -10.12 1.68 -29.40
N VAL A 257 -10.25 0.99 -30.54
CA VAL A 257 -10.36 1.67 -31.83
C VAL A 257 -11.65 2.47 -31.91
N ASP A 258 -12.78 1.80 -31.81
CA ASP A 258 -14.09 2.46 -31.83
C ASP A 258 -14.78 2.36 -30.48
N THR A 259 -13.99 2.44 -29.41
CA THR A 259 -14.48 2.45 -28.02
C THR A 259 -15.44 1.29 -27.74
N ASP A 260 -15.00 0.09 -28.10
CA ASP A 260 -15.67 -1.14 -27.69
C ASP A 260 -14.62 -2.11 -27.19
N LEU A 261 -15.07 -3.15 -26.48
CA LEU A 261 -14.16 -4.06 -25.79
C LEU A 261 -13.83 -5.29 -26.61
N THR A 262 -13.80 -5.18 -27.93
CA THR A 262 -13.42 -6.28 -28.81
C THR A 262 -12.27 -5.93 -29.73
N LYS A 263 -12.20 -4.70 -30.23
CA LYS A 263 -11.16 -4.29 -31.14
C LYS A 263 -9.82 -4.18 -30.41
N PRO A 264 -8.71 -4.20 -31.13
CA PRO A 264 -7.40 -4.11 -30.48
C PRO A 264 -7.17 -2.75 -29.85
N TYR A 265 -6.35 -2.75 -28.79
CA TYR A 265 -5.95 -1.51 -28.14
C TYR A 265 -5.45 -0.50 -29.15
N ILE A 266 -5.74 0.78 -28.89
CA ILE A 266 -5.26 1.86 -29.74
C ILE A 266 -3.74 1.76 -29.91
N LYS A 267 -3.29 1.69 -31.16
CA LYS A 267 -1.86 1.80 -31.46
C LYS A 267 -1.49 3.27 -31.32
N TRP A 268 -1.37 3.71 -30.08
CA TRP A 268 -1.08 5.10 -29.79
C TRP A 268 0.29 5.49 -30.33
N ASP A 269 0.41 6.73 -30.79
CA ASP A 269 1.70 7.24 -31.22
C ASP A 269 2.65 7.30 -30.04
N LEU A 270 3.87 6.80 -30.22
CA LEU A 270 4.84 6.80 -29.13
C LEU A 270 5.25 8.22 -28.76
N LEU A 271 5.29 9.13 -29.73
CA LEU A 271 5.83 10.46 -29.53
C LEU A 271 4.76 11.50 -29.23
N LYS A 272 3.62 11.09 -28.68
CA LYS A 272 2.55 12.01 -28.31
C LYS A 272 2.47 12.09 -26.80
N TYR A 273 2.60 13.31 -26.26
CA TYR A 273 2.53 13.53 -24.83
C TYR A 273 1.47 14.53 -24.40
N ASP A 274 0.91 15.32 -25.32
CA ASP A 274 0.01 16.39 -24.92
C ASP A 274 -1.31 15.84 -24.38
N PHE A 275 -2.06 15.14 -25.23
CA PHE A 275 -3.31 14.47 -24.87
C PHE A 275 -4.36 15.44 -24.34
N THR A 276 -4.15 16.75 -24.45
CA THR A 276 -5.11 17.69 -23.88
C THR A 276 -6.40 17.76 -24.71
N GLU A 277 -6.29 17.61 -26.03
CA GLU A 277 -7.51 17.59 -26.85
C GLU A 277 -8.31 16.33 -26.58
N GLU A 278 -7.64 15.19 -26.42
CA GLU A 278 -8.34 13.97 -26.02
C GLU A 278 -8.95 14.11 -24.63
N ARG A 279 -8.29 14.85 -23.73
CA ARG A 279 -8.87 15.09 -22.41
C ARG A 279 -10.13 15.93 -22.51
N LEU A 280 -10.09 16.98 -23.32
CA LEU A 280 -11.28 17.79 -23.55
C LEU A 280 -12.40 16.96 -24.16
N LYS A 281 -12.07 16.04 -25.06
CA LYS A 281 -13.10 15.20 -25.65
C LYS A 281 -13.66 14.20 -24.64
N LEU A 282 -12.80 13.68 -23.75
CA LEU A 282 -13.28 12.82 -22.68
C LEU A 282 -14.25 13.56 -21.79
N PHE A 283 -13.94 14.80 -21.43
CA PHE A 283 -14.86 15.57 -20.60
C PHE A 283 -16.14 15.89 -21.35
N ASP A 284 -16.05 16.30 -22.61
CA ASP A 284 -17.25 16.60 -23.38
C ASP A 284 -18.09 15.35 -23.64
N ARG A 285 -17.51 14.17 -23.52
CA ARG A 285 -18.25 12.94 -23.73
C ARG A 285 -18.91 12.41 -22.45
N TYR A 286 -18.16 12.36 -21.35
CA TYR A 286 -18.65 11.74 -20.14
C TYR A 286 -19.16 12.72 -19.09
N PHE A 287 -18.60 13.92 -19.02
CA PHE A 287 -19.00 14.93 -18.04
C PHE A 287 -19.31 16.24 -18.74
N LYS A 288 -20.07 16.16 -19.83
CA LYS A 288 -20.38 17.35 -20.64
C LYS A 288 -21.07 18.44 -19.82
N TYR A 289 -21.65 18.11 -18.68
CA TYR A 289 -22.44 19.08 -17.92
C TYR A 289 -21.96 19.25 -16.49
N TRP A 290 -20.78 18.77 -16.14
CA TRP A 290 -20.28 18.96 -14.79
C TRP A 290 -20.00 20.44 -14.62
N ASP A 291 -20.87 21.12 -13.87
CA ASP A 291 -20.95 22.57 -13.88
C ASP A 291 -19.80 23.24 -13.13
N GLN A 292 -18.60 23.13 -13.67
CA GLN A 292 -17.44 23.86 -13.20
C GLN A 292 -16.34 23.72 -14.24
N THR A 293 -15.66 24.83 -14.54
CA THR A 293 -14.66 24.84 -15.60
C THR A 293 -13.52 23.88 -15.30
N TYR A 294 -13.43 22.80 -16.07
CA TYR A 294 -12.37 21.82 -15.92
C TYR A 294 -11.27 22.11 -16.92
N HIS A 295 -10.09 22.43 -16.43
CA HIS A 295 -8.94 22.69 -17.28
C HIS A 295 -8.16 21.40 -17.49
N PRO A 296 -7.85 21.01 -18.74
CA PRO A 296 -7.14 19.74 -18.96
C PRO A 296 -5.83 19.70 -18.20
N ASN A 297 -4.97 20.67 -18.49
CA ASN A 297 -3.82 20.91 -17.62
C ASN A 297 -4.31 21.45 -16.29
N CYS A 298 -3.44 21.40 -15.29
CA CYS A 298 -3.75 21.99 -13.99
C CYS A 298 -3.05 23.31 -13.75
N VAL A 299 -2.12 23.70 -14.63
CA VAL A 299 -1.45 24.98 -14.46
C VAL A 299 -2.40 26.15 -14.66
N ASN A 300 -3.53 25.92 -15.35
CA ASN A 300 -4.53 26.95 -15.60
C ASN A 300 -5.65 26.93 -14.58
N CYS A 301 -5.40 26.46 -13.36
CA CYS A 301 -6.41 26.46 -12.31
C CYS A 301 -6.47 27.84 -11.66
N LEU A 302 -7.30 27.98 -10.63
CA LEU A 302 -7.49 29.25 -9.96
C LEU A 302 -7.10 29.25 -8.50
N ASP A 303 -7.23 28.13 -7.79
CA ASP A 303 -6.80 27.99 -6.41
C ASP A 303 -6.59 26.52 -6.13
N ASP A 304 -6.21 26.20 -4.89
CA ASP A 304 -5.98 24.80 -4.52
C ASP A 304 -7.24 23.96 -4.67
N ARG A 305 -8.41 24.58 -4.55
CA ARG A 305 -9.65 23.83 -4.76
C ARG A 305 -9.85 23.48 -6.22
N CYS A 306 -9.56 24.42 -7.12
CA CYS A 306 -9.56 24.09 -8.55
C CYS A 306 -8.52 23.04 -8.86
N ILE A 307 -7.40 23.05 -8.15
CA ILE A 307 -6.36 22.04 -8.35
C ILE A 307 -6.89 20.67 -7.96
N LEU A 308 -7.51 20.57 -6.79
CA LEU A 308 -8.12 19.32 -6.38
C LEU A 308 -9.13 18.84 -7.41
N HIS A 309 -9.99 19.74 -7.90
CA HIS A 309 -11.01 19.36 -8.86
C HIS A 309 -10.38 18.79 -10.13
N CYS A 310 -9.50 19.57 -10.77
CA CYS A 310 -8.93 19.15 -12.04
C CYS A 310 -8.04 17.92 -11.90
N ALA A 311 -7.25 17.84 -10.83
CA ALA A 311 -6.42 16.66 -10.62
C ALA A 311 -7.25 15.42 -10.33
N ASN A 312 -8.35 15.57 -9.60
CA ASN A 312 -9.23 14.44 -9.34
C ASN A 312 -9.89 13.96 -10.62
N PHE A 313 -10.18 14.86 -11.55
CA PHE A 313 -10.67 14.41 -12.85
C PHE A 313 -9.57 13.72 -13.65
N ASN A 314 -8.37 14.29 -13.65
CA ASN A 314 -7.31 13.73 -14.48
C ASN A 314 -6.81 12.39 -13.95
N VAL A 315 -6.94 12.14 -12.65
CA VAL A 315 -6.46 10.87 -12.11
C VAL A 315 -7.28 9.70 -12.65
N LEU A 316 -8.46 9.98 -13.19
CA LEU A 316 -9.23 9.01 -13.95
C LEU A 316 -9.07 9.17 -15.44
N PHE A 317 -8.94 10.40 -15.93
CA PHE A 317 -8.78 10.64 -17.35
C PHE A 317 -7.44 10.14 -17.89
N SER A 318 -6.47 9.85 -17.02
CA SER A 318 -5.16 9.43 -17.46
C SER A 318 -4.90 7.96 -17.18
N THR A 319 -5.95 7.17 -16.97
CA THR A 319 -5.83 5.72 -16.99
C THR A 319 -6.06 5.16 -18.39
N VAL A 320 -6.38 6.02 -19.35
CA VAL A 320 -6.58 5.60 -20.73
C VAL A 320 -5.30 5.70 -21.54
N PHE A 321 -4.64 6.85 -21.47
CA PHE A 321 -3.46 7.08 -22.28
C PHE A 321 -2.34 6.12 -21.89
N PRO A 322 -1.46 5.78 -22.83
CA PRO A 322 -0.46 4.74 -22.58
C PRO A 322 0.48 5.15 -21.45
N PRO A 323 0.86 4.20 -20.59
CA PRO A 323 1.83 4.52 -19.53
C PRO A 323 3.21 4.84 -20.05
N THR A 324 3.46 4.71 -21.35
CA THR A 324 4.73 5.07 -21.95
C THR A 324 4.77 6.52 -22.42
N SER A 325 3.93 7.38 -21.85
CA SER A 325 3.94 8.79 -22.17
C SER A 325 3.91 9.69 -20.93
N PHE A 326 3.72 9.12 -19.74
CA PHE A 326 3.79 9.89 -18.51
C PHE A 326 5.25 10.03 -18.09
N GLY A 327 5.49 10.50 -16.87
CA GLY A 327 6.83 10.77 -16.44
C GLY A 327 7.39 11.99 -17.15
N PRO A 328 8.70 12.22 -17.00
CA PRO A 328 9.29 13.43 -17.57
C PRO A 328 9.15 13.48 -19.08
N LEU A 329 9.30 14.69 -19.61
CA LEU A 329 9.45 14.93 -21.03
C LEU A 329 10.88 15.39 -21.27
N VAL A 330 11.41 15.15 -22.46
CA VAL A 330 12.80 15.48 -22.73
C VAL A 330 12.89 16.33 -23.98
N ARG A 331 14.07 16.92 -24.17
CA ARG A 331 14.35 17.88 -25.22
C ARG A 331 15.83 17.82 -25.55
N LYS A 332 16.18 18.27 -26.76
CA LYS A 332 17.57 18.26 -27.20
C LYS A 332 18.21 19.61 -26.88
N ILE A 333 18.44 19.84 -25.59
CA ILE A 333 19.17 21.04 -25.18
C ILE A 333 20.61 20.92 -25.60
N PHE A 334 21.14 21.98 -26.22
CA PHE A 334 22.51 22.01 -26.71
C PHE A 334 23.41 22.69 -25.69
N VAL A 335 24.57 22.09 -25.44
CA VAL A 335 25.60 22.66 -24.58
C VAL A 335 26.91 22.61 -25.36
N ASP A 336 27.47 23.78 -25.69
CA ASP A 336 28.65 23.90 -26.53
C ASP A 336 28.43 23.32 -27.92
N GLY A 337 27.17 23.16 -28.32
CA GLY A 337 26.87 22.46 -29.56
C GLY A 337 26.91 20.97 -29.43
N VAL A 338 26.56 20.43 -28.26
CA VAL A 338 26.54 18.99 -28.01
C VAL A 338 25.16 18.64 -27.46
N PRO A 339 24.45 17.70 -28.07
CA PRO A 339 23.06 17.46 -27.68
C PRO A 339 22.89 16.80 -26.32
N PHE A 340 22.47 17.57 -25.33
CA PHE A 340 22.02 17.00 -24.07
C PHE A 340 20.54 16.61 -24.18
N VAL A 341 20.13 15.66 -23.36
CA VAL A 341 18.74 15.21 -23.31
C VAL A 341 18.30 15.29 -21.85
N VAL A 342 17.71 16.42 -21.48
CA VAL A 342 17.23 16.63 -20.11
C VAL A 342 15.76 17.01 -20.18
N SER A 343 15.16 17.29 -19.02
CA SER A 343 13.73 17.47 -18.91
C SER A 343 13.36 18.93 -19.18
N THR A 344 12.47 19.14 -20.14
CA THR A 344 11.93 20.47 -20.44
C THR A 344 10.42 20.40 -20.27
N GLY A 345 9.98 19.78 -19.18
CA GLY A 345 8.58 19.65 -18.89
C GLY A 345 8.32 18.41 -18.06
N TYR A 346 7.05 18.04 -17.96
CA TYR A 346 6.63 16.86 -17.24
C TYR A 346 5.17 16.59 -17.56
N HIS A 347 4.82 15.33 -17.72
CA HIS A 347 3.44 14.90 -17.92
C HIS A 347 3.01 14.16 -16.67
N PHE A 348 2.09 14.76 -15.91
CA PHE A 348 1.60 14.15 -14.68
C PHE A 348 0.36 13.34 -14.96
N ARG A 349 0.16 12.29 -14.15
CA ARG A 349 -1.05 11.49 -14.26
C ARG A 349 -2.28 12.28 -13.81
N GLU A 350 -2.09 13.24 -12.92
CA GLU A 350 -3.17 14.09 -12.43
C GLU A 350 -2.98 15.56 -12.77
N LEU A 351 -1.81 16.12 -12.50
CA LEU A 351 -1.64 17.55 -12.75
C LEU A 351 -1.51 17.89 -14.23
N GLY A 352 -1.71 16.95 -15.15
CA GLY A 352 -1.64 17.28 -16.56
C GLY A 352 -0.21 17.52 -17.04
N VAL A 353 -0.12 18.20 -18.16
CA VAL A 353 1.17 18.56 -18.75
C VAL A 353 1.61 19.90 -18.19
N VAL A 354 2.83 19.94 -17.65
CA VAL A 354 3.41 21.17 -17.13
C VAL A 354 4.78 21.36 -17.76
N HIS A 355 5.05 22.58 -18.23
CA HIS A 355 6.29 22.88 -18.91
C HIS A 355 7.16 23.78 -18.05
N ASN A 356 8.47 23.57 -18.09
CA ASN A 356 9.38 24.46 -17.41
C ASN A 356 9.39 25.82 -18.10
N GLN A 357 10.05 26.79 -17.46
CA GLN A 357 10.15 28.13 -18.01
C GLN A 357 11.56 28.70 -18.03
N ASP A 358 12.47 28.20 -17.20
CA ASP A 358 13.88 28.59 -17.26
C ASP A 358 14.67 27.55 -18.06
N VAL A 359 14.22 27.31 -19.29
CA VAL A 359 14.88 26.38 -20.21
C VAL A 359 15.43 27.19 -21.37
N ASN A 360 16.66 26.87 -21.79
CA ASN A 360 17.34 27.65 -22.82
C ASN A 360 18.38 26.78 -23.51
N LEU A 361 18.24 26.62 -24.81
CA LEU A 361 19.26 25.94 -25.59
C LEU A 361 20.50 26.82 -25.72
N HIS A 362 21.58 26.21 -26.22
CA HIS A 362 22.83 26.91 -26.52
C HIS A 362 23.39 27.62 -25.29
N SER A 363 23.72 26.82 -24.29
CA SER A 363 24.38 27.29 -23.09
C SER A 363 25.88 27.08 -23.23
N SER A 364 26.66 28.08 -22.78
CA SER A 364 28.11 28.03 -22.93
C SER A 364 28.77 27.19 -21.85
N ARG A 365 28.13 27.04 -20.70
CA ARG A 365 28.65 26.21 -19.61
C ARG A 365 27.50 25.95 -18.64
N LEU A 366 27.81 25.28 -17.54
CA LEU A 366 26.81 24.92 -16.53
C LEU A 366 27.34 25.27 -15.15
N SER A 367 26.44 25.72 -14.28
CA SER A 367 26.79 26.09 -12.92
C SER A 367 26.46 24.95 -11.96
N PHE A 368 26.57 25.20 -10.66
CA PHE A 368 26.34 24.15 -9.67
C PHE A 368 24.87 23.74 -9.64
N LYS A 369 23.96 24.71 -9.57
CA LYS A 369 22.54 24.40 -9.53
C LYS A 369 22.09 23.74 -10.84
N GLU A 370 22.65 24.18 -11.96
CA GLU A 370 22.32 23.56 -13.24
C GLU A 370 22.83 22.13 -13.30
N LEU A 371 24.04 21.88 -12.82
CA LEU A 371 24.55 20.52 -12.79
C LEU A 371 23.71 19.64 -11.89
N LEU A 372 23.26 20.17 -10.75
CA LEU A 372 22.40 19.41 -9.86
C LEU A 372 21.09 19.04 -10.54
N VAL A 373 20.39 20.04 -11.09
CA VAL A 373 19.11 19.76 -11.71
C VAL A 373 19.27 18.88 -12.93
N TYR A 374 20.45 18.87 -13.56
CA TYR A 374 20.70 17.99 -14.70
C TYR A 374 20.93 16.56 -14.25
N ALA A 375 21.94 16.34 -13.41
CA ALA A 375 22.26 15.01 -12.93
C ALA A 375 21.22 14.45 -11.99
N ALA A 376 20.17 15.20 -11.66
CA ALA A 376 19.09 14.66 -10.86
C ALA A 376 17.93 14.14 -11.69
N ASP A 377 17.79 14.56 -12.94
CA ASP A 377 16.72 14.04 -13.77
C ASP A 377 16.93 12.55 -14.01
N PRO A 378 15.86 11.80 -14.21
CA PRO A 378 16.00 10.45 -14.76
C PRO A 378 16.26 10.43 -16.26
N ALA A 379 16.38 11.61 -16.88
CA ALA A 379 16.49 11.67 -18.34
C ALA A 379 17.82 11.10 -18.81
N MET A 380 18.93 11.71 -18.37
CA MET A 380 20.24 11.24 -18.78
C MET A 380 20.53 9.84 -18.29
N HIS A 381 19.79 9.35 -17.31
CA HIS A 381 20.02 8.02 -16.75
C HIS A 381 19.26 6.94 -17.51
N ALA A 382 17.99 7.18 -17.84
CA ALA A 382 17.19 6.22 -18.59
C ALA A 382 17.36 6.35 -20.10
N ALA A 383 18.02 7.40 -20.58
CA ALA A 383 18.25 7.54 -22.01
C ALA A 383 19.46 6.75 -22.49
N SER A 384 20.38 6.42 -21.59
CA SER A 384 21.59 5.70 -21.94
C SER A 384 21.68 4.34 -21.27
N GLY A 385 20.62 3.88 -20.61
CA GLY A 385 20.60 2.60 -19.95
C GLY A 385 19.91 1.55 -20.79
N ASN A 386 20.30 0.29 -20.57
CA ASN A 386 19.73 -0.82 -21.31
C ASN A 386 18.24 -0.96 -21.02
N LEU A 387 17.46 -1.12 -22.07
CA LEU A 387 16.03 -1.38 -21.90
C LEU A 387 15.84 -2.60 -20.99
N LEU A 388 14.87 -2.50 -20.07
CA LEU A 388 14.64 -3.54 -19.09
C LEU A 388 13.21 -4.05 -19.19
N LEU A 389 13.04 -5.36 -19.04
CA LEU A 389 11.74 -6.01 -18.97
C LEU A 389 11.79 -6.93 -17.75
N ASP A 390 11.37 -6.40 -16.60
CA ASP A 390 11.43 -7.15 -15.35
C ASP A 390 10.12 -7.92 -15.18
N LYS A 391 10.20 -9.24 -15.23
CA LYS A 391 9.03 -10.10 -15.09
C LYS A 391 8.76 -10.50 -13.65
N ARG A 392 9.57 -10.02 -12.69
CA ARG A 392 9.33 -10.33 -11.29
C ARG A 392 8.21 -9.49 -10.70
N THR A 393 7.99 -8.30 -11.23
CA THR A 393 7.03 -7.36 -10.68
C THR A 393 6.01 -6.95 -11.76
N THR A 394 5.16 -6.01 -11.38
CA THR A 394 4.17 -5.44 -12.28
C THR A 394 4.45 -3.98 -12.62
N CYS A 395 5.18 -3.27 -11.76
CA CYS A 395 5.51 -1.88 -12.00
C CYS A 395 6.22 -1.72 -13.34
N PHE A 396 5.91 -0.64 -14.05
CA PHE A 396 6.46 -0.41 -15.38
C PHE A 396 7.97 -0.19 -15.29
N SER A 397 8.73 -1.15 -15.80
CA SER A 397 10.18 -1.03 -15.82
C SER A 397 10.62 -0.02 -16.86
N VAL A 398 11.76 0.62 -16.61
CA VAL A 398 12.21 1.69 -17.50
C VAL A 398 13.54 1.35 -18.15
N ALA A 399 14.61 1.26 -17.36
CA ALA A 399 15.94 1.11 -17.95
C ALA A 399 16.90 0.59 -16.90
N ALA A 400 17.47 -0.59 -17.14
CA ALA A 400 18.54 -1.09 -16.29
C ALA A 400 19.79 -0.26 -16.50
N LEU A 401 20.32 0.29 -15.41
CA LEU A 401 21.47 1.19 -15.53
C LEU A 401 22.76 0.42 -15.71
N THR A 402 23.06 -0.51 -14.81
CA THR A 402 24.24 -1.34 -14.92
C THR A 402 23.96 -2.49 -15.90
N ASN A 403 24.86 -3.46 -15.97
CA ASN A 403 24.72 -4.58 -16.89
C ASN A 403 24.28 -5.86 -16.22
N ASN A 404 23.98 -5.83 -14.93
CA ASN A 404 23.50 -7.02 -14.23
C ASN A 404 22.72 -6.58 -12.99
N VAL A 405 21.51 -7.14 -12.82
CA VAL A 405 20.73 -6.81 -11.64
C VAL A 405 21.46 -7.27 -10.38
N ALA A 406 21.13 -6.64 -9.26
CA ALA A 406 21.82 -6.88 -8.00
C ALA A 406 20.83 -7.38 -6.97
N PHE A 407 21.17 -8.48 -6.31
CA PHE A 407 20.38 -9.01 -5.20
C PHE A 407 21.10 -8.72 -3.89
N GLN A 408 20.33 -8.41 -2.85
CA GLN A 408 20.89 -8.14 -1.53
C GLN A 408 20.16 -8.98 -0.49
N THR A 409 20.94 -9.57 0.42
CA THR A 409 20.42 -10.48 1.42
C THR A 409 20.24 -9.76 2.75
N VAL A 410 19.37 -10.30 3.59
CA VAL A 410 19.06 -9.75 4.90
C VAL A 410 19.66 -10.68 5.94
N LYS A 411 20.75 -10.24 6.58
CA LYS A 411 21.45 -11.06 7.55
C LYS A 411 20.57 -11.31 8.79
N PRO A 412 20.84 -12.38 9.52
CA PRO A 412 20.12 -12.62 10.79
C PRO A 412 20.82 -11.96 11.97
N GLY A 413 20.00 -11.55 12.93
CA GLY A 413 20.52 -10.82 14.08
C GLY A 413 21.29 -11.72 15.04
N ASN A 414 22.19 -11.10 15.79
CA ASN A 414 22.93 -11.81 16.82
C ASN A 414 21.98 -12.32 17.89
N PHE A 415 22.46 -13.25 18.70
CA PHE A 415 21.63 -13.82 19.76
C PHE A 415 22.54 -14.42 20.84
N ASN A 416 21.94 -14.62 22.01
CA ASN A 416 22.54 -15.36 23.12
C ASN A 416 23.90 -14.81 23.53
N LYS A 417 23.89 -13.57 24.02
CA LYS A 417 25.00 -13.10 24.82
C LYS A 417 24.75 -13.55 26.27
N ASP A 418 25.53 -13.02 27.21
CA ASP A 418 25.34 -13.43 28.60
C ASP A 418 23.99 -12.98 29.16
N PHE A 419 23.28 -12.09 28.46
CA PHE A 419 21.94 -11.69 28.86
C PHE A 419 20.87 -12.68 28.40
N TYR A 420 21.28 -13.88 28.05
CA TYR A 420 20.38 -15.02 27.98
C TYR A 420 20.74 -16.11 28.96
N ASP A 421 22.04 -16.30 29.22
CA ASP A 421 22.46 -17.14 30.34
C ASP A 421 21.87 -16.61 31.65
N PHE A 422 21.93 -15.29 31.86
CA PHE A 422 21.34 -14.76 33.08
C PHE A 422 19.82 -14.84 33.06
N ALA A 423 19.21 -14.66 31.89
CA ALA A 423 17.75 -14.74 31.82
C ALA A 423 17.26 -16.15 32.14
N VAL A 424 17.99 -17.17 31.69
CA VAL A 424 17.60 -18.55 32.01
C VAL A 424 18.04 -18.94 33.42
N SER A 425 19.03 -18.24 33.97
CA SER A 425 19.42 -18.50 35.36
C SER A 425 18.38 -17.98 36.33
N LYS A 426 17.96 -16.72 36.15
CA LYS A 426 17.06 -16.09 37.11
C LYS A 426 15.60 -16.45 36.87
N GLY A 427 15.31 -17.75 36.80
CA GLY A 427 13.94 -18.23 36.78
C GLY A 427 13.07 -17.71 35.66
N PHE A 428 13.61 -17.54 34.47
CA PHE A 428 12.83 -17.13 33.32
C PHE A 428 13.05 -18.09 32.17
N PHE A 429 12.13 -18.03 31.20
CA PHE A 429 12.14 -18.89 30.02
C PHE A 429 12.09 -20.37 30.40
N LYS A 430 11.24 -20.69 31.38
CA LYS A 430 11.00 -22.06 31.80
C LYS A 430 9.73 -22.58 31.13
N GLU A 431 9.31 -23.78 31.54
CA GLU A 431 8.19 -24.46 30.92
C GLU A 431 6.91 -23.64 30.99
N GLY A 432 6.43 -23.19 29.83
CA GLY A 432 5.20 -22.43 29.73
C GLY A 432 5.10 -21.26 30.71
N SER A 433 5.98 -20.29 30.56
CA SER A 433 5.96 -19.12 31.42
C SER A 433 4.93 -18.10 30.91
N SER A 434 4.71 -17.06 31.72
CA SER A 434 3.79 -16.00 31.31
C SER A 434 4.36 -15.21 30.13
N VAL A 435 5.67 -15.03 30.08
CA VAL A 435 6.33 -14.37 28.96
C VAL A 435 7.16 -15.39 28.20
N GLU A 436 7.29 -15.18 26.90
CA GLU A 436 8.10 -16.01 26.03
C GLU A 436 8.74 -15.13 24.98
N LEU A 437 10.04 -15.30 24.75
CA LEU A 437 10.75 -14.51 23.75
C LEU A 437 10.06 -14.65 22.40
N LYS A 438 9.44 -13.57 21.93
CA LYS A 438 8.65 -13.61 20.70
C LYS A 438 8.93 -12.36 19.87
N HIS A 439 10.19 -11.99 19.76
CA HIS A 439 10.60 -10.87 18.92
C HIS A 439 12.01 -11.14 18.43
N PHE A 440 12.16 -11.38 17.14
CA PHE A 440 13.42 -11.84 16.56
C PHE A 440 13.85 -10.93 15.42
N PHE A 441 15.14 -11.02 15.09
CA PHE A 441 15.68 -10.36 13.89
C PHE A 441 15.58 -11.36 12.75
N PHE A 442 14.48 -11.27 12.00
CA PHE A 442 14.26 -12.22 10.92
C PHE A 442 15.20 -11.93 9.75
N ALA A 443 15.29 -12.90 8.84
CA ALA A 443 16.20 -12.82 7.72
C ALA A 443 15.44 -13.07 6.42
N GLN A 444 15.96 -12.52 5.33
CA GLN A 444 15.39 -12.68 4.00
C GLN A 444 16.50 -12.99 3.01
N ASP A 445 16.13 -13.68 1.94
CA ASP A 445 17.07 -14.09 0.89
C ASP A 445 17.32 -12.92 -0.07
N GLY A 446 17.97 -13.22 -1.19
CA GLY A 446 18.25 -12.17 -2.16
C GLY A 446 16.99 -11.59 -2.77
N ASN A 447 16.11 -12.45 -3.27
CA ASN A 447 14.87 -12.00 -3.87
C ASN A 447 13.90 -11.54 -2.79
N ALA A 448 14.25 -10.47 -2.09
CA ALA A 448 13.39 -9.90 -1.06
C ALA A 448 13.06 -8.44 -1.31
N ALA A 449 14.05 -7.62 -1.66
CA ALA A 449 13.80 -6.20 -1.87
C ALA A 449 12.84 -5.97 -3.02
N ILE A 450 12.99 -6.74 -4.11
CA ILE A 450 12.12 -6.53 -5.27
C ILE A 450 10.73 -7.08 -5.00
N SER A 451 10.63 -8.22 -4.33
CA SER A 451 9.32 -8.76 -3.98
C SER A 451 8.61 -7.91 -2.94
N ASP A 452 9.34 -7.10 -2.19
CA ASP A 452 8.72 -6.16 -1.25
C ASP A 452 8.34 -4.86 -1.93
N TYR A 453 9.21 -4.33 -2.79
CA TYR A 453 8.84 -3.19 -3.61
C TYR A 453 7.60 -3.48 -4.44
N ASP A 454 7.43 -4.73 -4.85
CA ASP A 454 6.23 -5.13 -5.59
C ASP A 454 4.95 -4.89 -4.79
N TYR A 455 5.05 -4.59 -3.50
CA TYR A 455 3.83 -4.31 -2.74
C TYR A 455 3.22 -2.97 -3.07
N TYR A 456 3.82 -2.21 -4.00
CA TYR A 456 3.13 -1.07 -4.59
C TYR A 456 2.03 -1.50 -5.55
N ARG A 457 1.92 -2.80 -5.83
CA ARG A 457 0.85 -3.31 -6.68
C ARG A 457 -0.53 -3.12 -6.05
N TYR A 458 -0.59 -2.84 -4.75
CA TYR A 458 -1.85 -2.54 -4.10
C TYR A 458 -2.26 -1.08 -4.25
N ASN A 459 -1.31 -0.21 -4.57
CA ASN A 459 -1.65 1.17 -4.92
C ASN A 459 -2.33 1.19 -6.28
N LEU A 460 -3.49 1.81 -6.34
CA LEU A 460 -4.34 1.82 -7.51
C LEU A 460 -4.73 3.25 -7.85
N PRO A 461 -5.20 3.50 -9.07
CA PRO A 461 -5.76 4.83 -9.38
C PRO A 461 -7.10 5.01 -8.66
N THR A 462 -7.22 6.11 -7.94
CA THR A 462 -8.40 6.36 -7.11
C THR A 462 -8.95 7.75 -7.43
N MET A 463 -10.25 7.82 -7.67
CA MET A 463 -10.95 9.07 -7.95
C MET A 463 -11.86 9.36 -6.76
N CYS A 464 -11.33 10.09 -5.78
CA CYS A 464 -12.09 10.39 -4.58
C CYS A 464 -13.30 11.26 -4.91
N ASP A 465 -14.28 11.24 -4.00
CA ASP A 465 -15.47 12.06 -4.11
C ASP A 465 -15.09 13.52 -3.91
N ILE A 466 -15.24 14.33 -4.96
CA ILE A 466 -14.61 15.65 -4.93
C ILE A 466 -15.45 16.65 -4.15
N ARG A 467 -16.78 16.56 -4.23
CA ARG A 467 -17.61 17.51 -3.49
C ARG A 467 -17.57 17.26 -1.98
N GLN A 468 -17.11 16.07 -1.57
CA GLN A 468 -16.90 15.75 -0.17
C GLN A 468 -15.48 16.06 0.28
N LEU A 469 -14.51 15.77 -0.59
CA LEU A 469 -13.13 16.16 -0.32
C LEU A 469 -13.01 17.68 -0.16
N LEU A 470 -13.74 18.44 -0.97
CA LEU A 470 -13.64 19.89 -0.93
C LEU A 470 -14.28 20.52 0.31
N PHE A 471 -14.71 19.68 1.23
CA PHE A 471 -15.18 20.07 2.55
C PHE A 471 -14.34 19.44 3.66
N VAL A 472 -13.93 18.18 3.47
CA VAL A 472 -12.99 17.56 4.39
C VAL A 472 -11.68 18.35 4.44
N VAL A 473 -11.27 18.95 3.31
CA VAL A 473 -10.08 19.78 3.33
C VAL A 473 -10.26 20.98 4.25
N GLU A 474 -11.43 21.60 4.23
CA GLU A 474 -11.66 22.75 5.10
C GLU A 474 -11.69 22.33 6.56
N VAL A 475 -12.30 21.18 6.86
CA VAL A 475 -12.32 20.70 8.24
C VAL A 475 -10.92 20.38 8.72
N VAL A 476 -10.10 19.78 7.84
CA VAL A 476 -8.72 19.47 8.22
C VAL A 476 -7.92 20.74 8.45
N ASP A 477 -8.04 21.71 7.54
CA ASP A 477 -7.34 22.97 7.74
C ASP A 477 -7.81 23.68 9.00
N LYS A 478 -9.06 23.45 9.42
CA LYS A 478 -9.48 23.91 10.73
C LYS A 478 -8.76 23.17 11.84
N TYR A 479 -8.53 21.87 11.64
CA TYR A 479 -7.69 21.12 12.59
C TYR A 479 -6.27 21.64 12.63
N PHE A 480 -5.84 22.38 11.58
CA PHE A 480 -4.48 22.89 11.48
C PHE A 480 -4.41 24.41 11.58
N ASP A 481 -5.32 25.04 12.33
CA ASP A 481 -5.27 26.50 12.40
C ASP A 481 -4.15 27.00 13.29
N CYS A 482 -3.96 26.38 14.46
CA CYS A 482 -3.10 26.92 15.49
C CYS A 482 -1.61 26.78 15.19
N TYR A 483 -1.23 26.43 13.96
CA TYR A 483 0.17 26.34 13.57
C TYR A 483 0.51 27.45 12.59
N ASP A 484 1.70 28.02 12.74
CA ASP A 484 2.20 29.02 11.81
C ASP A 484 3.09 28.36 10.77
N GLY A 485 3.12 28.94 9.58
CA GLY A 485 3.90 28.39 8.49
C GLY A 485 4.39 29.42 7.50
N GLY A 486 4.92 28.95 6.37
CA GLY A 486 5.43 29.84 5.36
C GLY A 486 6.84 29.52 4.92
N CYS A 487 7.23 29.95 3.73
CA CYS A 487 8.57 29.69 3.24
C CYS A 487 9.60 30.37 4.13
N ILE A 488 10.72 29.68 4.34
CA ILE A 488 11.84 30.24 5.06
C ILE A 488 13.05 30.27 4.14
N ASN A 489 13.94 31.21 4.38
CA ASN A 489 15.16 31.31 3.58
C ASN A 489 16.11 30.18 3.96
N ALA A 490 17.27 30.17 3.30
CA ALA A 490 18.26 29.13 3.56
C ALA A 490 18.81 29.23 4.98
N ASN A 491 19.11 30.43 5.44
CA ASN A 491 19.76 30.60 6.73
C ASN A 491 18.88 30.14 7.88
N GLN A 492 17.56 30.22 7.72
CA GLN A 492 16.65 29.91 8.82
C GLN A 492 16.28 28.44 8.90
N VAL A 493 16.86 27.58 8.09
CA VAL A 493 16.53 26.16 8.14
C VAL A 493 17.49 25.48 9.11
N ILE A 494 17.01 24.39 9.72
CA ILE A 494 17.79 23.61 10.67
C ILE A 494 17.73 22.16 10.23
N VAL A 495 18.89 21.53 10.10
CA VAL A 495 19.00 20.16 9.60
C VAL A 495 19.64 19.29 10.67
N ASN A 496 18.98 18.18 10.99
CA ASN A 496 19.50 17.18 11.89
C ASN A 496 19.78 15.89 11.13
N ASN A 497 20.78 15.15 11.60
CA ASN A 497 21.30 13.96 10.90
C ASN A 497 21.79 14.35 9.51
N LEU A 498 22.81 15.20 9.51
CA LEU A 498 23.44 15.69 8.29
C LEU A 498 24.35 14.65 7.64
N ASP A 499 24.32 13.40 8.08
CA ASP A 499 25.20 12.36 7.57
C ASP A 499 24.40 11.11 7.23
N LYS A 500 23.29 11.29 6.53
CA LYS A 500 22.49 10.20 6.02
C LYS A 500 22.69 10.08 4.51
N SER A 501 21.98 9.14 3.91
CA SER A 501 22.11 8.89 2.48
C SER A 501 21.57 10.07 1.69
N ALA A 502 22.34 10.51 0.69
CA ALA A 502 21.98 11.66 -0.12
C ALA A 502 21.24 11.31 -1.39
N GLY A 503 20.78 10.07 -1.54
CA GLY A 503 20.01 9.68 -2.69
C GLY A 503 20.86 9.36 -3.90
N PHE A 504 20.23 8.72 -4.88
CA PHE A 504 20.87 8.35 -6.14
C PHE A 504 20.64 9.44 -7.18
N PRO A 505 21.65 9.84 -7.96
CA PRO A 505 23.02 9.33 -8.00
C PRO A 505 23.92 9.98 -6.96
N PHE A 506 23.36 10.90 -6.19
CA PHE A 506 24.17 11.74 -5.30
C PHE A 506 24.94 10.92 -4.27
N ASN A 507 24.52 9.70 -3.97
CA ASN A 507 25.24 8.88 -3.01
C ASN A 507 26.52 8.29 -3.57
N LYS A 508 26.85 8.56 -4.83
CA LYS A 508 28.10 8.10 -5.41
C LYS A 508 29.29 8.99 -5.07
N TRP A 509 29.06 10.12 -4.39
CA TRP A 509 30.15 11.05 -4.11
C TRP A 509 30.18 11.56 -2.67
N GLY A 510 29.18 11.32 -1.86
CA GLY A 510 29.22 11.76 -0.48
C GLY A 510 27.83 11.75 0.13
N LYS A 511 27.79 12.17 1.39
CA LYS A 511 26.56 12.30 2.14
C LYS A 511 25.94 13.68 1.91
N ALA A 512 24.73 13.86 2.45
CA ALA A 512 24.04 15.14 2.31
C ALA A 512 24.88 16.30 2.84
N ARG A 513 25.76 16.03 3.79
CA ARG A 513 26.65 17.07 4.31
C ARG A 513 27.51 17.66 3.20
N LEU A 514 27.95 16.83 2.26
CA LEU A 514 28.79 17.31 1.18
C LEU A 514 28.08 18.39 0.37
N TYR A 515 26.85 18.10 -0.06
CA TYR A 515 26.12 19.07 -0.87
C TYR A 515 25.72 20.30 -0.04
N TYR A 516 25.26 20.08 1.19
CA TYR A 516 24.84 21.21 2.01
C TYR A 516 26.02 22.14 2.31
N ASP A 517 27.24 21.61 2.38
CA ASP A 517 28.40 22.45 2.63
C ASP A 517 28.99 23.04 1.36
N SER A 518 28.86 22.34 0.23
CA SER A 518 29.37 22.89 -1.02
C SER A 518 28.51 24.03 -1.52
N MET A 519 27.19 23.85 -1.52
CA MET A 519 26.30 24.90 -1.98
C MET A 519 26.33 26.09 -1.03
N SER A 520 26.26 27.28 -1.60
CA SER A 520 26.15 28.50 -0.81
C SER A 520 24.68 28.82 -0.54
N TYR A 521 24.45 29.79 0.35
CA TYR A 521 23.09 30.17 0.71
C TYR A 521 22.37 30.77 -0.49
N GLU A 522 23.04 31.69 -1.20
CA GLU A 522 22.45 32.25 -2.42
C GLU A 522 22.13 31.17 -3.44
N ASP A 523 23.01 30.17 -3.57
CA ASP A 523 22.77 29.12 -4.55
C ASP A 523 21.57 28.26 -4.15
N GLN A 524 21.46 27.94 -2.86
CA GLN A 524 20.30 27.18 -2.39
C GLN A 524 19.01 27.96 -2.63
N ASP A 525 19.03 29.26 -2.35
CA ASP A 525 17.82 30.06 -2.53
C ASP A 525 17.48 30.23 -4.00
N ALA A 526 18.49 30.31 -4.88
CA ALA A 526 18.21 30.40 -6.30
C ALA A 526 17.68 29.09 -6.85
N LEU A 527 18.20 27.96 -6.36
CA LEU A 527 17.62 26.67 -6.70
C LEU A 527 16.16 26.59 -6.24
N PHE A 528 15.87 27.15 -5.07
CA PHE A 528 14.50 27.16 -4.57
C PHE A 528 13.60 28.01 -5.46
N ALA A 529 14.06 29.20 -5.84
CA ALA A 529 13.29 30.04 -6.74
C ALA A 529 13.06 29.35 -8.07
N TYR A 530 14.11 28.71 -8.62
CA TYR A 530 13.99 27.95 -9.86
C TYR A 530 12.94 26.85 -9.74
N THR A 531 12.95 26.12 -8.63
CA THR A 531 11.98 25.05 -8.46
C THR A 531 10.59 25.58 -8.17
N LYS A 532 10.47 26.86 -7.80
CA LYS A 532 9.15 27.48 -7.70
C LYS A 532 8.59 27.89 -9.05
N ARG A 533 9.37 27.76 -10.12
CA ARG A 533 8.88 27.99 -11.48
C ARG A 533 9.12 26.82 -12.41
N ASN A 534 9.86 25.80 -12.00
CA ASN A 534 10.22 24.69 -12.86
C ASN A 534 10.04 23.38 -12.12
N VAL A 535 9.82 22.30 -12.89
CA VAL A 535 9.57 20.98 -12.34
C VAL A 535 10.84 20.14 -12.45
N ILE A 536 11.24 19.53 -11.34
CA ILE A 536 12.47 18.73 -11.29
C ILE A 536 12.14 17.31 -10.82
N PRO A 537 12.14 16.32 -11.70
CA PRO A 537 12.00 14.93 -11.26
C PRO A 537 13.32 14.40 -10.74
N THR A 538 13.22 13.49 -9.76
CA THR A 538 14.40 12.95 -9.09
C THR A 538 14.26 11.44 -8.94
N ILE A 539 15.26 10.82 -8.32
CA ILE A 539 15.33 9.37 -8.16
C ILE A 539 15.49 9.03 -6.70
N THR A 540 14.75 8.01 -6.24
CA THR A 540 14.80 7.54 -4.86
C THR A 540 15.31 6.11 -4.83
N GLN A 541 16.44 5.92 -4.16
CA GLN A 541 17.01 4.58 -3.99
C GLN A 541 16.30 3.85 -2.87
N MET A 542 15.62 2.76 -3.21
CA MET A 542 14.83 1.99 -2.25
C MET A 542 15.60 0.74 -1.86
N ASN A 543 16.05 0.70 -0.60
CA ASN A 543 16.86 -0.39 -0.10
C ASN A 543 16.22 -0.99 1.13
N LEU A 544 16.74 -2.14 1.56
CA LEU A 544 16.17 -2.92 2.65
C LEU A 544 16.66 -2.38 3.99
N LYS A 545 15.84 -2.57 5.01
CA LYS A 545 16.18 -2.18 6.37
C LYS A 545 16.33 -3.43 7.24
N TYR A 546 16.86 -3.21 8.44
CA TYR A 546 17.36 -4.28 9.29
C TYR A 546 16.92 -4.00 10.73
N ALA A 547 15.76 -4.54 11.11
CA ALA A 547 15.18 -4.29 12.42
C ALA A 547 14.44 -5.53 12.91
N ILE A 548 14.04 -5.48 14.17
CA ILE A 548 13.34 -6.57 14.83
C ILE A 548 11.84 -6.44 14.60
N SER A 549 11.15 -7.56 14.48
CA SER A 549 9.71 -7.55 14.28
C SER A 549 9.15 -8.90 14.66
N ALA A 550 7.84 -8.93 14.92
CA ALA A 550 7.14 -10.16 15.26
C ALA A 550 6.64 -10.91 14.04
N LYS A 551 6.84 -10.37 12.85
CA LYS A 551 6.55 -11.03 11.59
C LYS A 551 7.85 -11.39 10.88
N ASN A 552 7.74 -11.92 9.67
CA ASN A 552 8.90 -12.23 8.86
C ASN A 552 8.98 -11.40 7.59
N ARG A 553 8.09 -10.42 7.43
CA ARG A 553 8.12 -9.55 6.26
C ARG A 553 9.39 -8.71 6.25
N ALA A 554 9.74 -8.24 5.05
CA ALA A 554 10.88 -7.35 4.89
C ALA A 554 10.45 -5.91 5.04
N ARG A 555 11.41 -5.05 5.38
CA ARG A 555 11.17 -3.63 5.57
C ARG A 555 12.07 -2.85 4.64
N THR A 556 11.50 -2.28 3.58
CA THR A 556 12.24 -1.50 2.61
C THR A 556 12.01 -0.01 2.87
N VAL A 557 13.08 0.70 3.20
CA VAL A 557 13.02 2.15 3.40
C VAL A 557 13.59 2.81 2.15
N ALA A 558 13.01 3.95 1.78
CA ALA A 558 13.41 4.68 0.59
C ALA A 558 14.16 5.94 0.99
N GLY A 559 15.15 6.31 0.17
CA GLY A 559 15.85 7.55 0.40
C GLY A 559 15.78 8.49 -0.79
N VAL A 560 15.09 9.61 -0.63
CA VAL A 560 14.97 10.55 -1.73
C VAL A 560 16.29 11.27 -1.96
N SER A 561 16.42 11.86 -3.14
CA SER A 561 17.64 12.57 -3.50
C SER A 561 17.80 13.82 -2.62
N ILE A 562 18.92 14.50 -2.78
CA ILE A 562 19.18 15.65 -1.92
C ILE A 562 18.61 16.94 -2.49
N CYS A 563 18.54 17.07 -3.81
CA CYS A 563 17.98 18.30 -4.36
C CYS A 563 16.48 18.41 -4.15
N SER A 564 15.82 17.33 -3.72
CA SER A 564 14.42 17.37 -3.37
C SER A 564 14.24 17.78 -1.91
N THR A 565 14.88 17.04 -1.00
CA THR A 565 14.79 17.37 0.42
C THR A 565 15.30 18.78 0.71
N MET A 566 16.36 19.21 0.01
CA MET A 566 16.95 20.51 0.25
C MET A 566 15.93 21.63 0.07
N THR A 567 14.98 21.46 -0.85
CA THR A 567 13.95 22.46 -1.08
C THR A 567 12.70 22.19 -0.27
N ASN A 568 12.33 20.91 -0.08
CA ASN A 568 11.16 20.60 0.73
C ASN A 568 11.34 21.07 2.17
N ARG A 569 12.58 21.05 2.67
CA ARG A 569 12.83 21.56 4.01
C ARG A 569 12.57 23.07 4.08
N GLN A 570 13.15 23.83 3.15
CA GLN A 570 12.87 25.26 3.12
C GLN A 570 11.38 25.52 3.00
N PHE A 571 10.66 24.64 2.30
CA PHE A 571 9.23 24.86 2.10
C PHE A 571 8.43 24.58 3.37
N HIS A 572 8.77 23.52 4.10
CA HIS A 572 7.88 23.00 5.13
C HIS A 572 8.42 23.05 6.56
N GLN A 573 9.65 23.51 6.78
CA GLN A 573 10.25 23.40 8.10
C GLN A 573 9.48 24.22 9.13
N LYS A 574 9.03 25.41 8.77
CA LYS A 574 8.31 26.25 9.73
C LYS A 574 7.08 25.53 10.25
N LEU A 575 6.24 25.03 9.34
CA LEU A 575 5.00 24.38 9.75
C LEU A 575 5.28 23.09 10.49
N LEU A 576 6.30 22.33 10.08
CA LEU A 576 6.57 21.07 10.77
C LEU A 576 7.09 21.32 12.18
N LYS A 577 8.02 22.26 12.34
CA LYS A 577 8.50 22.60 13.68
C LYS A 577 7.38 23.14 14.54
N SER A 578 6.43 23.87 13.94
CA SER A 578 5.31 24.38 14.72
C SER A 578 4.37 23.27 15.15
N ILE A 579 4.15 22.28 14.29
CA ILE A 579 3.35 21.13 14.69
C ILE A 579 4.04 20.37 15.81
N ALA A 580 5.36 20.25 15.73
CA ALA A 580 6.09 19.50 16.75
C ALA A 580 6.12 20.22 18.09
N ALA A 581 6.21 21.55 18.09
CA ALA A 581 6.49 22.31 19.31
C ALA A 581 5.24 22.77 20.04
N THR A 582 4.07 22.24 19.71
CA THR A 582 2.83 22.64 20.37
C THR A 582 2.17 21.43 21.03
N ARG A 583 1.65 21.63 22.24
CA ARG A 583 1.00 20.59 23.02
C ARG A 583 -0.47 20.92 23.23
N GLY A 584 -1.29 19.88 23.29
CA GLY A 584 -2.70 20.02 23.58
C GLY A 584 -3.62 20.00 22.38
N ALA A 585 -3.08 19.83 21.18
CA ALA A 585 -3.87 19.81 19.97
C ALA A 585 -4.23 18.39 19.59
N THR A 586 -4.81 18.21 18.40
CA THR A 586 -5.18 16.88 17.93
C THR A 586 -3.95 16.11 17.47
N VAL A 587 -3.23 16.63 16.49
CA VAL A 587 -2.03 15.97 16.00
C VAL A 587 -0.97 16.07 17.09
N VAL A 588 -0.68 14.94 17.74
CA VAL A 588 0.30 14.90 18.81
C VAL A 588 1.59 14.33 18.23
N ILE A 589 2.43 15.23 17.71
CA ILE A 589 3.77 14.89 17.24
C ILE A 589 4.74 15.82 17.95
N GLY A 590 5.83 15.25 18.45
CA GLY A 590 6.74 16.00 19.26
C GLY A 590 6.43 15.96 20.74
N THR A 591 5.56 15.06 21.17
CA THR A 591 5.25 14.88 22.58
C THR A 591 6.38 14.10 23.25
N SER A 592 6.20 13.75 24.51
CA SER A 592 7.25 13.06 25.26
C SER A 592 6.57 12.18 26.30
N LYS A 593 6.59 10.87 26.08
CA LYS A 593 5.90 9.94 26.98
C LYS A 593 6.49 9.94 28.38
N PHE A 594 7.58 10.67 28.61
CA PHE A 594 8.16 10.78 29.95
C PHE A 594 7.79 12.12 30.57
N TYR A 595 7.93 12.18 31.90
CA TYR A 595 7.57 13.35 32.69
C TYR A 595 6.10 13.72 32.51
N GLY A 596 5.24 12.78 32.89
CA GLY A 596 3.80 13.01 32.87
C GLY A 596 3.24 13.20 31.47
N GLY A 597 4.04 12.92 30.45
CA GLY A 597 3.57 13.10 29.09
C GLY A 597 2.40 12.21 28.74
N TRP A 598 2.54 10.91 29.01
CA TRP A 598 1.45 9.96 28.75
C TRP A 598 0.19 10.37 29.50
N HIS A 599 0.32 10.74 30.77
CA HIS A 599 -0.83 11.10 31.58
C HIS A 599 -1.53 12.33 31.03
N ASN A 600 -0.75 13.38 30.70
CA ASN A 600 -1.35 14.61 30.18
C ASN A 600 -1.99 14.37 28.82
N MET A 601 -1.35 13.59 27.96
CA MET A 601 -1.94 13.26 26.66
C MET A 601 -3.27 12.56 26.84
N LEU A 602 -3.33 11.58 27.74
CA LEU A 602 -4.57 10.83 27.92
C LEU A 602 -5.65 11.67 28.56
N LYS A 603 -5.29 12.58 29.45
CA LYS A 603 -6.28 13.50 30.00
C LYS A 603 -6.83 14.42 28.91
N THR A 604 -5.94 14.98 28.09
CA THR A 604 -6.37 15.84 26.99
C THR A 604 -7.25 15.08 26.01
N VAL A 605 -7.04 13.77 25.87
CA VAL A 605 -7.94 12.98 25.03
C VAL A 605 -9.27 12.75 25.74
N TYR A 606 -9.25 12.59 27.07
CA TYR A 606 -10.47 12.50 27.85
C TYR A 606 -11.10 13.85 28.12
N SER A 607 -10.73 14.88 27.36
CA SER A 607 -10.89 16.28 27.76
C SER A 607 -12.24 16.58 28.39
N ASP A 608 -13.32 16.49 27.63
CA ASP A 608 -14.65 16.63 28.23
C ASP A 608 -15.69 15.73 27.58
N VAL A 609 -15.29 14.56 27.08
CA VAL A 609 -16.25 13.68 26.43
C VAL A 609 -17.24 13.18 27.47
N GLU A 610 -18.52 13.10 27.08
CA GLU A 610 -19.59 12.89 28.04
C GLU A 610 -19.65 11.44 28.51
N ASN A 611 -19.93 10.51 27.58
CA ASN A 611 -20.02 9.09 27.88
C ASN A 611 -18.94 8.39 27.06
N PRO A 612 -17.73 8.30 27.57
CA PRO A 612 -16.59 7.92 26.74
C PRO A 612 -16.33 6.42 26.65
N HIS A 613 -15.93 6.01 25.45
CA HIS A 613 -15.38 4.69 25.19
C HIS A 613 -14.30 4.86 24.15
N LEU A 614 -13.09 4.39 24.44
CA LEU A 614 -11.98 4.65 23.52
C LEU A 614 -12.08 3.74 22.29
N MET A 615 -11.14 3.95 21.36
CA MET A 615 -11.12 3.23 20.09
C MET A 615 -9.72 3.29 19.52
N GLY A 616 -9.49 2.53 18.46
CA GLY A 616 -8.20 2.54 17.78
C GLY A 616 -8.33 1.82 16.46
N TRP A 617 -7.33 2.03 15.62
CA TRP A 617 -7.36 1.44 14.28
C TRP A 617 -5.94 1.40 13.72
N ASP A 618 -5.81 0.72 12.58
CA ASP A 618 -4.56 0.70 11.82
C ASP A 618 -4.88 0.45 10.36
N TYR A 619 -4.19 1.15 9.47
CA TYR A 619 -4.39 0.99 8.04
C TYR A 619 -3.43 -0.06 7.52
N PRO A 620 -3.90 -1.20 7.03
CA PRO A 620 -2.99 -2.20 6.47
C PRO A 620 -2.33 -1.67 5.20
N LYS A 621 -1.00 -1.71 5.17
CA LYS A 621 -0.22 -1.19 4.05
C LYS A 621 -0.58 0.27 3.77
N CYS A 622 -0.51 1.09 4.82
CA CYS A 622 -0.89 2.49 4.68
C CYS A 622 -0.05 3.21 3.63
N ASP A 623 1.27 3.04 3.70
CA ASP A 623 2.14 3.75 2.76
C ASP A 623 2.02 3.16 1.35
N ARG A 624 1.91 1.84 1.25
CA ARG A 624 1.76 1.22 -0.06
C ARG A 624 0.39 1.43 -0.68
N ALA A 625 -0.58 1.96 0.07
CA ALA A 625 -1.94 2.06 -0.42
C ALA A 625 -2.49 3.48 -0.51
N MET A 626 -1.93 4.45 0.22
CA MET A 626 -2.47 5.81 0.23
C MET A 626 -2.63 6.36 -1.17
N PRO A 627 -3.85 6.65 -1.60
CA PRO A 627 -4.08 7.11 -2.97
C PRO A 627 -3.41 8.46 -3.25
N ASN A 628 -3.17 8.70 -4.54
CA ASN A 628 -2.45 9.88 -4.95
C ASN A 628 -3.27 11.14 -4.70
N MET A 629 -4.60 11.04 -4.78
CA MET A 629 -5.43 12.20 -4.52
C MET A 629 -5.39 12.59 -3.04
N LEU A 630 -5.36 11.61 -2.14
CA LEU A 630 -5.23 11.94 -0.73
C LEU A 630 -3.83 12.47 -0.41
N ARG A 631 -2.81 11.96 -1.09
CA ARG A 631 -1.48 12.52 -0.86
C ARG A 631 -1.40 13.96 -1.36
N ILE A 632 -2.03 14.26 -2.48
CA ILE A 632 -2.06 15.63 -2.98
C ILE A 632 -2.88 16.52 -2.08
N MET A 633 -3.98 15.99 -1.52
CA MET A 633 -4.76 16.71 -0.53
C MET A 633 -3.90 17.07 0.68
N ALA A 634 -3.09 16.12 1.16
CA ALA A 634 -2.22 16.39 2.30
C ALA A 634 -1.18 17.44 1.94
N SER A 635 -0.61 17.36 0.74
CA SER A 635 0.37 18.36 0.32
C SER A 635 -0.26 19.75 0.26
N LEU A 636 -1.49 19.85 -0.25
CA LEU A 636 -2.15 21.14 -0.33
C LEU A 636 -2.51 21.67 1.06
N VAL A 637 -2.97 20.80 1.95
CA VAL A 637 -3.30 21.23 3.31
C VAL A 637 -2.05 21.73 4.02
N LEU A 638 -0.91 21.09 3.77
CA LEU A 638 0.34 21.58 4.36
C LEU A 638 0.76 22.90 3.74
N ALA A 639 0.54 23.06 2.44
CA ALA A 639 0.93 24.28 1.74
C ALA A 639 -0.01 25.45 1.98
N ARG A 640 -1.18 25.21 2.56
CA ARG A 640 -2.16 26.29 2.78
C ARG A 640 -1.61 27.42 3.63
N LYS A 641 -0.54 27.17 4.39
CA LYS A 641 0.04 28.24 5.21
C LYS A 641 0.74 29.29 4.37
N HIS A 642 1.00 29.02 3.10
CA HIS A 642 1.69 29.96 2.22
C HIS A 642 0.65 30.85 1.54
N THR A 643 0.49 32.07 2.05
CA THR A 643 -0.43 33.03 1.46
C THR A 643 0.15 34.42 1.26
N THR A 644 1.20 34.79 1.98
CA THR A 644 1.85 36.09 1.81
C THR A 644 3.24 35.94 1.22
N CYS A 645 3.67 34.72 0.91
CA CYS A 645 5.04 34.45 0.47
C CYS A 645 5.15 33.98 -0.96
N CYS A 646 4.14 33.29 -1.50
CA CYS A 646 4.22 32.75 -2.84
C CYS A 646 2.87 32.86 -3.54
N SER A 647 2.92 33.20 -4.82
CA SER A 647 1.72 33.33 -5.63
C SER A 647 1.17 31.95 -6.00
N LEU A 648 0.07 31.95 -6.74
CA LEU A 648 -0.57 30.70 -7.12
C LEU A 648 0.30 29.88 -8.05
N SER A 649 0.97 30.53 -9.01
CA SER A 649 1.83 29.78 -9.91
C SER A 649 3.03 29.20 -9.18
N HIS A 650 3.62 29.98 -8.27
CA HIS A 650 4.72 29.47 -7.46
C HIS A 650 4.28 28.25 -6.65
N ARG A 651 3.11 28.34 -6.01
CA ARG A 651 2.68 27.23 -5.17
C ARG A 651 2.26 26.03 -6.01
N PHE A 652 1.75 26.25 -7.22
CA PHE A 652 1.45 25.11 -8.08
C PHE A 652 2.73 24.42 -8.55
N TYR A 653 3.75 25.20 -8.90
CA TYR A 653 5.02 24.58 -9.28
C TYR A 653 5.64 23.85 -8.11
N ARG A 654 5.44 24.35 -6.88
CA ARG A 654 5.95 23.63 -5.71
C ARG A 654 5.20 22.33 -5.50
N LEU A 655 3.88 22.33 -5.71
CA LEU A 655 3.12 21.09 -5.58
C LEU A 655 3.49 20.10 -6.67
N ALA A 656 3.72 20.57 -7.89
CA ALA A 656 4.15 19.67 -8.96
C ALA A 656 5.54 19.11 -8.69
N ASN A 657 6.44 19.94 -8.16
CA ASN A 657 7.76 19.44 -7.75
C ASN A 657 7.63 18.37 -6.70
N GLU A 658 6.79 18.60 -5.68
CA GLU A 658 6.60 17.61 -4.63
C GLU A 658 6.06 16.30 -5.20
N CYS A 659 5.08 16.39 -6.10
CA CYS A 659 4.51 15.18 -6.69
C CYS A 659 5.56 14.44 -7.52
N ALA A 660 6.22 15.13 -8.45
CA ALA A 660 7.22 14.50 -9.30
C ALA A 660 8.43 14.00 -8.51
N GLN A 661 8.62 14.48 -7.28
CA GLN A 661 9.79 14.08 -6.52
C GLN A 661 9.51 12.94 -5.54
N VAL A 662 8.31 12.88 -4.95
CA VAL A 662 8.05 11.89 -3.92
C VAL A 662 6.85 11.00 -4.22
N LEU A 663 5.89 11.43 -5.06
CA LEU A 663 4.66 10.67 -5.23
C LEU A 663 4.78 9.61 -6.31
N SER A 664 5.14 10.00 -7.53
CA SER A 664 5.17 9.11 -8.68
C SER A 664 6.48 9.24 -9.44
N GLU A 665 7.59 9.17 -8.70
CA GLU A 665 8.90 9.44 -9.25
C GLU A 665 9.58 8.15 -9.72
N MET A 666 10.84 8.26 -10.13
CA MET A 666 11.64 7.12 -10.53
C MET A 666 12.29 6.51 -9.29
N VAL A 667 11.99 5.25 -9.02
CA VAL A 667 12.53 4.51 -7.88
C VAL A 667 13.52 3.49 -8.41
N MET A 668 14.74 3.51 -7.89
CA MET A 668 15.81 2.62 -8.33
C MET A 668 15.93 1.48 -7.32
N CYS A 669 15.15 0.42 -7.54
CA CYS A 669 15.21 -0.77 -6.69
C CYS A 669 16.20 -1.75 -7.30
N GLY A 670 17.39 -1.81 -6.75
CA GLY A 670 18.42 -2.70 -7.26
C GLY A 670 19.40 -1.99 -8.17
N GLY A 671 19.37 -2.33 -9.46
CA GLY A 671 20.22 -1.69 -10.42
C GLY A 671 19.46 -1.24 -11.65
N SER A 672 18.21 -0.83 -11.45
CA SER A 672 17.34 -0.49 -12.57
C SER A 672 16.20 0.38 -12.08
N LEU A 673 15.85 1.38 -12.88
CA LEU A 673 14.79 2.30 -12.53
C LEU A 673 13.42 1.66 -12.69
N TYR A 674 12.47 2.11 -11.87
CA TYR A 674 11.09 1.67 -11.97
C TYR A 674 10.16 2.88 -11.80
N VAL A 675 8.92 2.70 -12.21
CA VAL A 675 7.89 3.72 -12.08
C VAL A 675 7.11 3.46 -10.81
N LYS A 676 7.20 4.37 -9.85
CA LYS A 676 6.50 4.22 -8.59
C LYS A 676 5.06 4.68 -8.74
N PRO A 677 4.07 3.80 -8.59
CA PRO A 677 2.68 4.21 -8.87
C PRO A 677 2.16 5.24 -7.88
N GLY A 678 2.67 5.27 -6.66
CA GLY A 678 2.22 6.25 -5.69
C GLY A 678 2.71 5.99 -4.29
N GLY A 679 1.87 6.26 -3.30
CA GLY A 679 2.24 6.02 -1.93
C GLY A 679 3.14 7.12 -1.37
N THR A 680 3.67 6.85 -0.18
CA THR A 680 4.51 7.80 0.54
C THR A 680 5.91 7.22 0.66
N SER A 681 6.88 7.84 -0.01
CA SER A 681 8.27 7.44 0.14
C SER A 681 8.72 7.70 1.57
N SER A 682 9.18 6.64 2.25
CA SER A 682 9.57 6.75 3.65
C SER A 682 10.55 7.89 3.88
N GLY A 683 11.49 8.08 2.96
CA GLY A 683 12.47 9.14 3.10
C GLY A 683 11.96 10.55 2.88
N ASP A 684 10.66 10.71 2.66
CA ASP A 684 10.09 12.04 2.50
C ASP A 684 10.38 12.90 3.72
N ALA A 685 10.55 14.20 3.48
CA ALA A 685 10.79 15.13 4.58
C ALA A 685 9.54 15.33 5.43
N THR A 686 8.35 15.21 4.82
CA THR A 686 7.10 15.55 5.48
C THR A 686 6.14 14.37 5.52
N THR A 687 6.66 13.15 5.61
CA THR A 687 5.77 12.00 5.56
C THR A 687 5.07 11.74 6.90
N ALA A 688 5.75 11.99 8.02
CA ALA A 688 5.13 11.78 9.32
C ALA A 688 4.03 12.78 9.61
N TYR A 689 3.93 13.86 8.84
CA TYR A 689 2.84 14.82 8.96
C TYR A 689 1.83 14.73 7.84
N ALA A 690 2.26 14.36 6.63
CA ALA A 690 1.30 14.01 5.59
C ALA A 690 0.45 12.82 6.04
N ASN A 691 1.04 11.89 6.79
CA ASN A 691 0.25 10.79 7.33
C ASN A 691 -0.74 11.28 8.37
N SER A 692 -0.38 12.30 9.16
CA SER A 692 -1.32 12.86 10.11
C SER A 692 -2.49 13.53 9.40
N VAL A 693 -2.20 14.30 8.34
CA VAL A 693 -3.27 14.91 7.57
C VAL A 693 -4.17 13.86 6.97
N PHE A 694 -3.59 12.79 6.42
CA PHE A 694 -4.39 11.72 5.85
C PHE A 694 -5.21 10.99 6.92
N ASN A 695 -4.65 10.92 8.12
CA ASN A 695 -5.35 10.29 9.24
C ASN A 695 -6.59 11.09 9.58
N ILE A 696 -6.43 12.40 9.78
CA ILE A 696 -7.56 13.27 10.08
C ILE A 696 -8.58 13.25 8.94
N CYS A 697 -8.09 13.15 7.70
CA CYS A 697 -9.00 13.07 6.56
C CYS A 697 -9.86 11.82 6.64
N GLN A 698 -9.24 10.67 6.94
CA GLN A 698 -10.01 9.43 7.05
C GLN A 698 -10.99 9.49 8.21
N ALA A 699 -10.58 10.07 9.33
CA ALA A 699 -11.47 10.15 10.49
C ALA A 699 -12.65 11.08 10.23
N VAL A 700 -12.40 12.25 9.64
CA VAL A 700 -13.49 13.17 9.31
C VAL A 700 -14.38 12.57 8.24
N THR A 701 -13.83 11.80 7.31
CA THR A 701 -14.66 11.16 6.31
C THR A 701 -15.55 10.09 6.94
N ALA A 702 -15.02 9.35 7.91
CA ALA A 702 -15.84 8.38 8.62
C ALA A 702 -16.94 9.08 9.41
N ASN A 703 -16.64 10.23 10.01
CA ASN A 703 -17.67 10.97 10.73
C ASN A 703 -18.74 11.50 9.77
N VAL A 704 -18.33 11.99 8.60
CA VAL A 704 -19.29 12.51 7.64
C VAL A 704 -20.20 11.40 7.14
N ASN A 705 -19.61 10.24 6.80
CA ASN A 705 -20.42 9.12 6.31
C ASN A 705 -21.10 8.34 7.42
N ALA A 706 -20.84 8.67 8.68
CA ALA A 706 -21.64 8.14 9.78
C ALA A 706 -22.76 9.08 10.19
N LEU A 707 -22.60 10.38 9.94
CA LEU A 707 -23.63 11.36 10.24
C LEU A 707 -24.59 11.59 9.07
N LEU A 708 -24.18 11.26 7.85
CA LEU A 708 -25.08 11.31 6.71
C LEU A 708 -25.81 9.99 6.49
N SER A 709 -25.09 8.89 6.54
CA SER A 709 -25.70 7.59 6.29
C SER A 709 -26.53 7.10 7.45
N THR A 710 -26.80 7.93 8.44
CA THR A 710 -27.70 7.57 9.53
C THR A 710 -29.09 8.14 9.22
N ASP A 711 -30.11 7.39 9.61
CA ASP A 711 -31.49 7.73 9.27
C ASP A 711 -31.89 8.95 10.10
N GLY A 712 -31.83 10.14 9.48
CA GLY A 712 -32.16 11.39 10.15
C GLY A 712 -33.54 11.43 10.75
N ASN A 713 -34.42 10.50 10.38
CA ASN A 713 -35.73 10.36 11.01
C ASN A 713 -35.67 9.58 12.32
N LYS A 714 -34.47 9.19 12.76
CA LYS A 714 -34.27 8.47 14.01
C LYS A 714 -33.12 9.08 14.79
N ILE A 715 -33.12 10.40 14.90
CA ILE A 715 -32.13 11.14 15.69
C ILE A 715 -32.92 11.94 16.71
N ALA A 716 -32.94 11.47 17.96
CA ALA A 716 -33.76 12.09 18.99
C ALA A 716 -33.39 13.55 19.22
N ASP A 717 -32.14 13.91 18.98
CA ASP A 717 -31.71 15.29 19.16
C ASP A 717 -32.42 16.21 18.17
N LYS A 718 -32.55 17.48 18.55
CA LYS A 718 -33.13 18.49 17.70
C LYS A 718 -32.07 19.39 17.06
N TYR A 719 -30.81 19.14 17.35
CA TYR A 719 -29.68 19.93 16.84
C TYR A 719 -28.82 19.16 15.87
N VAL A 720 -28.62 17.85 16.11
CA VAL A 720 -27.84 17.04 15.18
C VAL A 720 -28.56 16.90 13.85
N ARG A 721 -29.90 16.88 13.86
CA ARG A 721 -30.64 16.81 12.61
C ARG A 721 -30.34 18.02 11.73
N ASN A 722 -30.32 19.22 12.32
CA ASN A 722 -30.01 20.40 11.53
C ASN A 722 -28.54 20.46 11.15
N LEU A 723 -27.66 19.97 12.03
CA LEU A 723 -26.25 19.92 11.68
C LEU A 723 -26.01 18.98 10.50
N GLN A 724 -26.74 17.87 10.43
CA GLN A 724 -26.62 16.94 9.31
C GLN A 724 -27.22 17.54 8.04
N HIS A 725 -28.36 18.21 8.17
CA HIS A 725 -28.93 18.95 7.05
C HIS A 725 -27.90 19.89 6.44
N ARG A 726 -27.33 20.77 7.26
CA ARG A 726 -26.33 21.70 6.75
C ARG A 726 -25.05 21.00 6.33
N LEU A 727 -24.76 19.82 6.87
CA LEU A 727 -23.59 19.06 6.42
C LEU A 727 -23.76 18.62 4.97
N TYR A 728 -24.89 17.98 4.65
CA TYR A 728 -25.14 17.58 3.27
C TYR A 728 -25.21 18.80 2.37
N GLU A 729 -25.79 19.89 2.86
CA GLU A 729 -25.90 21.07 2.02
C GLU A 729 -24.54 21.69 1.72
N CYS A 730 -23.65 21.77 2.71
CA CYS A 730 -22.31 22.26 2.44
C CYS A 730 -21.48 21.26 1.65
N LEU A 731 -21.86 19.98 1.66
CA LEU A 731 -21.14 19.00 0.87
C LEU A 731 -21.47 19.15 -0.61
N TYR A 732 -22.74 18.99 -0.98
CA TYR A 732 -23.11 18.87 -2.38
C TYR A 732 -23.86 20.07 -2.91
N ARG A 733 -23.99 21.13 -2.12
CA ARG A 733 -24.47 22.44 -2.56
C ARG A 733 -23.46 23.47 -2.11
N ASN A 734 -23.68 24.74 -2.50
CA ASN A 734 -22.88 25.85 -2.01
C ASN A 734 -21.40 25.64 -2.32
N ARG A 735 -21.10 25.68 -3.63
CA ARG A 735 -19.75 25.48 -4.12
C ARG A 735 -18.70 26.31 -3.40
N ASP A 736 -19.10 27.44 -2.81
CA ASP A 736 -18.17 28.26 -2.04
C ASP A 736 -17.84 27.58 -0.72
N VAL A 737 -17.07 28.27 0.12
CA VAL A 737 -16.73 27.78 1.45
C VAL A 737 -17.69 28.41 2.45
N ASP A 738 -18.10 27.63 3.45
CA ASP A 738 -19.04 28.07 4.48
C ASP A 738 -18.32 27.98 5.82
N THR A 739 -17.60 29.06 6.17
CA THR A 739 -16.81 29.06 7.40
C THR A 739 -17.68 28.86 8.63
N ASP A 740 -18.91 29.37 8.60
CA ASP A 740 -19.82 29.18 9.73
C ASP A 740 -19.99 27.71 10.05
N PHE A 741 -20.47 26.93 9.07
CA PHE A 741 -20.73 25.53 9.35
C PHE A 741 -19.45 24.72 9.48
N VAL A 742 -18.36 25.15 8.84
CA VAL A 742 -17.11 24.44 9.04
C VAL A 742 -16.66 24.58 10.49
N ASN A 743 -16.74 25.80 11.04
CA ASN A 743 -16.44 26.02 12.45
C ASN A 743 -17.34 25.17 13.34
N GLU A 744 -18.64 25.17 13.04
CA GLU A 744 -19.58 24.47 13.92
C GLU A 744 -19.36 22.96 13.88
N PHE A 745 -19.05 22.41 12.70
CA PHE A 745 -18.80 20.97 12.61
C PHE A 745 -17.48 20.60 13.28
N TYR A 746 -16.45 21.43 13.11
CA TYR A 746 -15.21 21.17 13.83
C TYR A 746 -15.44 21.20 15.34
N ALA A 747 -16.29 22.11 15.80
CA ALA A 747 -16.61 22.15 17.24
C ALA A 747 -17.36 20.90 17.67
N TYR A 748 -18.33 20.46 16.86
CA TYR A 748 -19.04 19.21 17.16
C TYR A 748 -18.07 18.04 17.28
N LEU A 749 -17.14 17.93 16.35
CA LEU A 749 -16.17 16.85 16.41
C LEU A 749 -15.29 16.96 17.66
N ARG A 750 -14.75 18.15 17.93
CA ARG A 750 -13.90 18.31 19.10
C ARG A 750 -14.66 18.02 20.39
N LYS A 751 -15.98 18.23 20.41
CA LYS A 751 -16.75 17.97 21.61
C LYS A 751 -17.20 16.52 21.72
N HIS A 752 -17.29 15.79 20.61
CA HIS A 752 -17.77 14.42 20.66
C HIS A 752 -16.84 13.41 20.00
N PHE A 753 -15.68 13.82 19.52
CA PHE A 753 -14.72 12.88 18.94
C PHE A 753 -13.33 13.47 19.20
N SER A 754 -12.73 13.05 20.31
CA SER A 754 -11.45 13.63 20.76
C SER A 754 -10.32 12.77 20.22
N MET A 755 -9.79 13.16 19.06
CA MET A 755 -8.77 12.36 18.42
C MET A 755 -7.42 12.54 19.12
N MET A 756 -6.49 11.63 18.80
CA MET A 756 -5.12 11.74 19.28
C MET A 756 -4.25 11.06 18.22
N ILE A 757 -3.67 11.85 17.34
CA ILE A 757 -3.15 11.36 16.07
C ILE A 757 -1.67 11.68 16.00
N LEU A 758 -0.84 10.73 16.41
CA LEU A 758 0.53 10.65 15.94
C LEU A 758 0.53 9.79 14.68
N SER A 759 1.46 10.06 13.77
CA SER A 759 1.42 9.55 12.40
C SER A 759 0.97 8.09 12.33
N ASP A 760 -0.14 7.86 11.64
CA ASP A 760 -0.62 6.54 11.24
C ASP A 760 -1.18 5.71 12.40
N ASP A 761 -1.03 6.19 13.64
CA ASP A 761 -1.54 5.47 14.80
C ASP A 761 -2.27 6.45 15.71
N ALA A 762 -3.57 6.24 15.89
CA ALA A 762 -4.40 7.17 16.64
C ALA A 762 -5.24 6.43 17.67
N VAL A 763 -5.74 7.20 18.63
CA VAL A 763 -6.70 6.72 19.62
C VAL A 763 -7.75 7.81 19.82
N VAL A 764 -9.00 7.40 19.98
CA VAL A 764 -10.13 8.32 20.00
C VAL A 764 -10.91 8.11 21.28
N CYS A 765 -11.60 9.15 21.74
CA CYS A 765 -12.46 9.09 22.91
C CYS A 765 -13.83 9.65 22.51
N PHE A 766 -14.68 8.77 21.98
CA PHE A 766 -15.97 9.19 21.45
C PHE A 766 -17.08 9.04 22.49
N ASN A 767 -18.11 9.86 22.34
CA ASN A 767 -19.32 9.72 23.15
C ASN A 767 -20.01 8.40 22.78
N SER A 768 -20.00 7.44 23.70
CA SER A 768 -20.46 6.09 23.37
C SER A 768 -21.93 6.08 22.96
N THR A 769 -22.77 6.84 23.66
CA THR A 769 -24.18 6.87 23.30
C THR A 769 -24.39 7.40 21.88
N TYR A 770 -23.61 8.40 21.49
CA TYR A 770 -23.72 8.91 20.13
C TYR A 770 -23.18 7.92 19.12
N ALA A 771 -22.02 7.34 19.37
CA ALA A 771 -21.50 6.32 18.46
C ALA A 771 -22.32 5.05 18.44
N SER A 772 -23.30 4.92 19.34
CA SER A 772 -24.25 3.82 19.27
C SER A 772 -25.56 4.21 18.60
N GLN A 773 -25.94 5.49 18.68
CA GLN A 773 -27.07 6.02 17.92
C GLN A 773 -26.69 6.37 16.49
N GLY A 774 -25.40 6.29 16.14
CA GLY A 774 -24.97 6.60 14.79
C GLY A 774 -24.71 8.06 14.52
N LEU A 775 -24.45 8.87 15.54
CA LEU A 775 -24.16 10.29 15.34
C LEU A 775 -22.68 10.57 15.09
N VAL A 776 -21.81 9.59 15.32
CA VAL A 776 -20.40 9.68 15.00
C VAL A 776 -19.94 8.31 14.50
N ALA A 777 -18.67 8.22 14.14
CA ALA A 777 -18.15 7.04 13.47
C ALA A 777 -17.65 6.00 14.46
N SER A 778 -17.61 4.75 14.00
CA SER A 778 -17.09 3.62 14.75
C SER A 778 -16.12 2.84 13.87
N ILE A 779 -15.73 1.65 14.34
CA ILE A 779 -14.89 0.77 13.51
C ILE A 779 -15.66 0.32 12.29
N LYS A 780 -16.97 0.11 12.44
CA LYS A 780 -17.81 -0.22 11.29
C LYS A 780 -17.90 0.93 10.30
N ASN A 781 -17.53 2.14 10.71
CA ASN A 781 -17.51 3.31 9.84
C ASN A 781 -16.11 3.69 9.40
N PHE A 782 -15.08 3.06 9.96
CA PHE A 782 -13.72 3.23 9.47
C PHE A 782 -13.35 2.15 8.46
N LYS A 783 -13.78 0.92 8.71
CA LYS A 783 -13.54 -0.18 7.78
C LYS A 783 -14.08 0.14 6.39
N SER A 784 -15.31 0.67 6.34
CA SER A 784 -15.94 0.98 5.06
C SER A 784 -15.23 2.12 4.35
N VAL A 785 -14.92 3.18 5.09
CA VAL A 785 -14.21 4.32 4.51
C VAL A 785 -12.90 3.87 3.92
N LEU A 786 -12.16 3.01 4.64
CA LEU A 786 -10.94 2.46 4.08
C LEU A 786 -11.23 1.68 2.81
N TYR A 787 -12.20 0.78 2.85
CA TYR A 787 -12.44 -0.10 1.72
C TYR A 787 -12.78 0.67 0.45
N TYR A 788 -13.45 1.81 0.56
CA TYR A 788 -13.78 2.52 -0.68
C TYR A 788 -12.86 3.72 -0.96
N GLN A 789 -11.96 4.09 -0.06
CA GLN A 789 -11.11 5.23 -0.33
C GLN A 789 -9.63 4.87 -0.39
N ASN A 790 -9.13 4.08 0.55
CA ASN A 790 -7.73 3.69 0.56
C ASN A 790 -7.49 2.35 -0.12
N ASN A 791 -8.56 1.65 -0.49
CA ASN A 791 -8.48 0.38 -1.21
C ASN A 791 -7.71 -0.67 -0.41
N VAL A 792 -8.07 -0.78 0.88
CA VAL A 792 -7.58 -1.85 1.75
C VAL A 792 -8.77 -2.44 2.47
N PHE A 793 -8.51 -3.38 3.39
CA PHE A 793 -9.56 -3.92 4.24
C PHE A 793 -9.02 -3.99 5.66
N MET A 794 -9.65 -3.25 6.58
CA MET A 794 -9.18 -3.15 7.95
C MET A 794 -9.85 -4.24 8.78
N SER A 795 -9.11 -5.31 9.05
CA SER A 795 -9.64 -6.41 9.83
C SER A 795 -9.88 -5.99 11.27
N GLU A 796 -11.01 -6.44 11.82
CA GLU A 796 -11.40 -6.08 13.18
C GLU A 796 -10.61 -6.84 14.24
N ALA A 797 -9.57 -7.57 13.86
CA ALA A 797 -8.71 -8.25 14.81
C ALA A 797 -7.53 -7.40 15.25
N LYS A 798 -7.32 -6.24 14.62
CA LYS A 798 -6.28 -5.30 15.03
C LYS A 798 -6.87 -3.97 15.47
N CYS A 799 -8.18 -3.90 15.66
CA CYS A 799 -8.86 -2.70 16.11
C CYS A 799 -9.53 -3.00 17.44
N TRP A 800 -9.24 -2.19 18.45
CA TRP A 800 -9.67 -2.44 19.82
C TRP A 800 -10.63 -1.35 20.27
N THR A 801 -11.74 -1.74 20.85
CA THR A 801 -12.68 -0.84 21.50
C THR A 801 -12.67 -1.13 22.99
N GLU A 802 -12.31 -0.14 23.79
CA GLU A 802 -12.16 -0.29 25.23
C GLU A 802 -13.38 0.30 25.92
N THR A 803 -14.22 -0.55 26.49
CA THR A 803 -15.44 -0.12 27.16
C THR A 803 -15.19 0.42 28.57
N ASP A 804 -13.94 0.66 28.94
CA ASP A 804 -13.61 1.16 30.27
C ASP A 804 -12.69 2.37 30.15
N LEU A 805 -12.60 3.12 31.24
CA LEU A 805 -11.77 4.31 31.30
C LEU A 805 -10.60 4.17 32.26
N THR A 806 -10.77 3.44 33.36
CA THR A 806 -9.68 3.25 34.31
C THR A 806 -8.47 2.65 33.62
N LYS A 807 -8.61 1.45 33.07
CA LYS A 807 -7.58 0.92 32.19
C LYS A 807 -7.57 1.72 30.89
N GLY A 808 -6.40 2.23 30.52
CA GLY A 808 -6.29 3.17 29.43
C GLY A 808 -6.38 2.54 28.06
N PRO A 809 -5.71 3.13 27.08
CA PRO A 809 -5.71 2.57 25.72
C PRO A 809 -5.02 1.20 25.72
N HIS A 810 -5.66 0.24 25.06
CA HIS A 810 -5.07 -1.09 24.96
C HIS A 810 -3.67 -1.03 24.37
N GLU A 811 -3.49 -0.26 23.30
CA GLU A 811 -2.17 -0.14 22.68
C GLU A 811 -2.13 1.16 21.87
N PHE A 812 -1.32 2.11 22.31
CA PHE A 812 -1.04 3.32 21.54
C PHE A 812 0.47 3.44 21.43
N CYS A 813 0.97 3.58 20.19
CA CYS A 813 2.40 3.59 19.92
C CYS A 813 3.08 2.34 20.49
N SER A 814 2.41 1.20 20.35
CA SER A 814 2.85 -0.11 20.79
C SER A 814 2.95 -0.23 22.30
N GLN A 815 2.69 0.83 23.05
CA GLN A 815 2.74 0.79 24.49
C GLN A 815 1.37 0.47 25.05
N HIS A 816 1.35 -0.24 26.18
CA HIS A 816 0.12 -0.43 26.93
C HIS A 816 -0.01 0.70 27.94
N THR A 817 -1.10 0.69 28.70
CA THR A 817 -1.37 1.74 29.67
C THR A 817 -2.01 1.12 30.90
N MET A 818 -1.40 1.34 32.06
CA MET A 818 -1.86 0.79 33.32
C MET A 818 -1.99 1.91 34.33
N LEU A 819 -3.22 2.18 34.76
CA LEU A 819 -3.49 3.25 35.72
C LEU A 819 -2.81 2.91 37.04
N VAL A 820 -1.80 3.68 37.42
CA VAL A 820 -0.95 3.37 38.56
C VAL A 820 -1.23 4.38 39.67
N LYS A 821 -0.64 4.15 40.84
CA LYS A 821 -0.78 5.03 42.00
C LYS A 821 0.59 5.57 42.37
N GLN A 822 0.77 6.88 42.25
CA GLN A 822 1.98 7.57 42.70
C GLN A 822 1.61 8.41 43.91
N GLY A 823 1.62 7.78 45.08
CA GLY A 823 1.33 8.44 46.33
C GLY A 823 0.02 9.22 46.34
N ASP A 824 -1.10 8.52 46.19
CA ASP A 824 -2.44 9.11 46.14
C ASP A 824 -2.64 10.02 44.94
N ASP A 825 -1.84 9.85 43.89
CA ASP A 825 -2.00 10.55 42.62
C ASP A 825 -2.10 9.48 41.54
N TYR A 826 -3.32 9.01 41.28
CA TYR A 826 -3.55 7.95 40.30
C TYR A 826 -3.27 8.48 38.90
N VAL A 827 -2.15 8.06 38.31
CA VAL A 827 -1.74 8.50 36.99
C VAL A 827 -1.63 7.29 36.06
N TYR A 828 -1.42 7.58 34.77
CA TYR A 828 -1.30 6.56 33.74
C TYR A 828 0.16 6.30 33.41
N LEU A 829 0.49 5.05 33.11
CA LEU A 829 1.87 4.65 32.86
C LEU A 829 1.97 3.92 31.52
N PRO A 830 2.94 4.26 30.67
CA PRO A 830 3.15 3.53 29.42
C PRO A 830 4.04 2.31 29.65
N TYR A 831 3.47 1.12 29.47
CA TYR A 831 4.34 -0.04 29.60
C TYR A 831 4.30 -0.89 28.34
N PRO A 832 5.44 -1.41 27.91
CA PRO A 832 5.51 -2.14 26.64
C PRO A 832 5.34 -3.63 26.78
N ASP A 833 5.34 -4.34 25.66
CA ASP A 833 5.23 -5.81 25.70
C ASP A 833 6.51 -6.41 26.25
N PRO A 834 6.44 -7.22 27.32
CA PRO A 834 7.67 -7.78 27.89
C PRO A 834 8.37 -8.74 26.95
N SER A 835 7.65 -9.39 26.05
CA SER A 835 8.31 -10.20 25.04
C SER A 835 9.21 -9.34 24.15
N ARG A 836 8.67 -8.20 23.69
CA ARG A 836 9.46 -7.27 22.90
C ARG A 836 10.66 -6.76 23.69
N ILE A 837 10.47 -6.48 24.98
CA ILE A 837 11.56 -5.95 25.79
C ILE A 837 12.66 -7.00 25.96
N LEU A 838 12.28 -8.24 26.27
CA LEU A 838 13.27 -9.30 26.43
C LEU A 838 13.97 -9.61 25.12
N GLY A 839 13.25 -9.53 24.00
CA GLY A 839 13.89 -9.72 22.70
C GLY A 839 14.92 -8.64 22.41
N ALA A 840 14.53 -7.37 22.58
CA ALA A 840 15.49 -6.29 22.39
C ALA A 840 16.69 -6.42 23.31
N GLY A 841 16.47 -6.91 24.53
CA GLY A 841 17.58 -7.12 25.45
C GLY A 841 18.53 -8.20 24.98
N CYS A 842 18.00 -9.39 24.70
CA CYS A 842 18.84 -10.53 24.35
C CYS A 842 19.60 -10.28 23.04
N PHE A 843 18.87 -9.99 21.97
CA PHE A 843 19.50 -9.83 20.67
C PHE A 843 20.20 -8.48 20.56
N VAL A 844 20.76 -8.24 19.37
CA VAL A 844 21.41 -6.98 19.03
C VAL A 844 21.57 -6.96 17.53
N ASP A 845 21.48 -5.78 16.91
CA ASP A 845 21.46 -5.64 15.46
C ASP A 845 22.58 -6.42 14.77
N ASP A 846 23.83 -6.05 15.01
CA ASP A 846 24.96 -6.76 14.42
C ASP A 846 26.06 -6.88 15.47
N ILE A 847 27.00 -7.78 15.24
CA ILE A 847 27.96 -8.09 16.30
C ILE A 847 29.14 -7.14 16.19
N VAL A 848 28.94 -5.91 16.66
CA VAL A 848 30.00 -5.02 17.13
C VAL A 848 29.46 -4.39 18.40
N LYS A 849 28.15 -4.51 18.59
CA LYS A 849 27.41 -3.85 19.67
C LYS A 849 27.09 -4.80 20.81
N THR A 850 27.93 -5.81 21.03
CA THR A 850 27.79 -6.61 22.24
C THR A 850 28.23 -5.78 23.44
N ASP A 851 27.40 -5.81 24.48
CA ASP A 851 27.58 -4.93 25.64
C ASP A 851 28.83 -5.36 26.42
N GLY A 852 29.98 -4.98 25.86
CA GLY A 852 31.25 -5.34 26.47
C GLY A 852 32.15 -4.18 26.83
N THR A 853 32.12 -3.10 26.04
CA THR A 853 33.04 -2.00 26.34
C THR A 853 32.40 -0.90 27.18
N LEU A 854 31.42 -0.19 26.61
CA LEU A 854 30.72 0.86 27.34
C LEU A 854 29.25 0.89 26.96
N MET A 855 28.63 -0.28 26.74
CA MET A 855 27.35 -0.32 26.07
C MET A 855 26.20 -0.58 27.04
N ILE A 856 26.45 -0.42 28.34
CA ILE A 856 25.42 -0.55 29.37
C ILE A 856 24.31 0.48 29.11
N GLU A 857 24.66 1.56 28.42
CA GLU A 857 23.67 2.58 28.05
C GLU A 857 22.64 2.01 27.09
N ARG A 858 22.96 0.89 26.43
CA ARG A 858 21.93 0.19 25.67
C ARG A 858 20.91 -0.46 26.60
N PHE A 859 21.36 -0.99 27.73
CA PHE A 859 20.47 -1.72 28.63
C PHE A 859 19.72 -0.80 29.57
N VAL A 860 20.22 0.40 29.82
CA VAL A 860 19.47 1.39 30.60
C VAL A 860 18.27 1.93 29.85
N SER A 861 18.35 2.11 28.53
CA SER A 861 17.26 2.63 27.74
C SER A 861 16.16 1.60 27.53
N LEU A 862 16.38 0.36 27.97
CA LEU A 862 15.33 -0.64 27.98
C LEU A 862 14.55 -0.66 29.28
N ALA A 863 15.19 -0.46 30.42
CA ALA A 863 14.44 -0.31 31.65
C ALA A 863 13.85 1.09 31.81
N ILE A 864 14.32 2.08 31.06
CA ILE A 864 13.72 3.40 31.09
C ILE A 864 12.31 3.32 30.51
N ASP A 865 12.11 2.41 29.56
CA ASP A 865 10.78 2.24 28.99
C ASP A 865 10.11 0.95 29.43
N ALA A 866 10.78 0.15 30.28
CA ALA A 866 10.16 -1.05 30.84
C ALA A 866 10.00 -0.96 32.35
N TYR A 867 9.95 0.25 32.91
CA TYR A 867 9.73 0.39 34.34
C TYR A 867 8.32 -0.06 34.72
N PRO A 868 7.25 0.51 34.14
CA PRO A 868 5.90 0.24 34.66
C PRO A 868 5.53 -1.23 34.73
N LEU A 869 6.30 -2.11 34.09
CA LEU A 869 6.13 -3.54 34.30
C LEU A 869 6.21 -3.90 35.78
N THR A 870 7.03 -3.18 36.54
CA THR A 870 7.18 -3.48 37.96
C THR A 870 5.91 -3.20 38.75
N LYS A 871 4.99 -2.40 38.22
CA LYS A 871 3.74 -2.11 38.89
C LYS A 871 2.59 -2.96 38.40
N HIS A 872 2.85 -3.94 37.53
CA HIS A 872 1.79 -4.79 37.02
C HIS A 872 1.44 -5.87 38.05
N PRO A 873 0.16 -6.22 38.19
CA PRO A 873 -0.22 -7.23 39.18
C PRO A 873 0.41 -8.59 38.93
N ASN A 874 0.57 -8.98 37.67
CA ASN A 874 1.28 -10.22 37.35
C ASN A 874 2.73 -10.11 37.80
N GLN A 875 3.14 -11.02 38.70
CA GLN A 875 4.46 -10.91 39.30
C GLN A 875 5.58 -11.07 38.29
N GLU A 876 5.36 -11.83 37.22
CA GLU A 876 6.40 -12.03 36.22
C GLU A 876 6.69 -10.75 35.45
N TYR A 877 5.68 -9.90 35.26
CA TYR A 877 5.92 -8.62 34.60
C TYR A 877 6.86 -7.76 35.43
N ALA A 878 6.67 -7.73 36.75
CA ALA A 878 7.61 -7.02 37.61
C ALA A 878 8.98 -7.67 37.59
N ASP A 879 9.02 -9.00 37.61
CA ASP A 879 10.30 -9.70 37.59
C ASP A 879 11.07 -9.45 36.30
N VAL A 880 10.38 -9.09 35.21
CA VAL A 880 11.09 -8.66 34.01
C VAL A 880 12.04 -7.51 34.33
N PHE A 881 11.48 -6.40 34.84
CA PHE A 881 12.31 -5.25 35.12
C PHE A 881 13.27 -5.50 36.27
N HIS A 882 12.89 -6.35 37.23
CA HIS A 882 13.84 -6.64 38.31
C HIS A 882 15.04 -7.44 37.83
N LEU A 883 14.82 -8.42 36.94
CA LEU A 883 15.91 -9.09 36.27
C LEU A 883 16.77 -8.11 35.48
N TYR A 884 16.11 -7.20 34.76
CA TYR A 884 16.83 -6.16 34.03
C TYR A 884 17.76 -5.39 34.94
N LEU A 885 17.25 -4.90 36.07
CA LEU A 885 18.07 -4.11 36.97
C LEU A 885 19.19 -4.95 37.58
N GLN A 886 18.90 -6.21 37.91
CA GLN A 886 19.92 -7.08 38.49
C GLN A 886 21.08 -7.26 37.54
N TYR A 887 20.80 -7.61 36.28
CA TYR A 887 21.90 -7.78 35.36
C TYR A 887 22.53 -6.48 34.91
N ILE A 888 21.81 -5.36 34.95
CA ILE A 888 22.45 -4.08 34.70
C ILE A 888 23.44 -3.78 35.81
N ARG A 889 23.10 -4.15 37.05
CA ARG A 889 24.05 -3.99 38.14
C ARG A 889 25.24 -4.93 37.99
N LYS A 890 25.00 -6.16 37.51
CA LYS A 890 26.12 -7.08 37.29
C LYS A 890 27.02 -6.58 36.17
N LEU A 891 26.44 -5.99 35.12
CA LEU A 891 27.24 -5.38 34.07
C LEU A 891 28.07 -4.24 34.61
N HIS A 892 27.44 -3.36 35.40
CA HIS A 892 28.18 -2.27 36.06
C HIS A 892 29.30 -2.81 36.92
N ASP A 893 29.10 -3.96 37.58
CA ASP A 893 30.13 -4.55 38.40
C ASP A 893 31.30 -5.06 37.55
N GLU A 894 31.01 -5.95 36.60
CA GLU A 894 32.07 -6.51 35.76
C GLU A 894 32.76 -5.46 34.92
N LEU A 895 32.14 -4.29 34.74
CA LEU A 895 32.81 -3.16 34.11
C LEU A 895 33.47 -2.24 35.12
N THR A 896 33.20 -2.42 36.41
CA THR A 896 33.77 -1.60 37.50
C THR A 896 33.61 -0.11 37.24
N THR A 912 22.78 11.43 40.62
CA THR A 912 22.26 10.14 41.10
C THR A 912 22.08 9.17 39.94
N SER A 913 22.77 9.43 38.84
CA SER A 913 22.62 8.61 37.64
C SER A 913 23.43 7.32 37.74
N ARG A 914 23.22 6.56 38.82
CA ARG A 914 23.81 5.25 38.99
C ARG A 914 22.71 4.21 38.76
N TYR A 915 22.92 3.35 37.77
CA TYR A 915 21.88 2.42 37.33
C TYR A 915 21.97 1.08 38.05
N TRP A 916 21.99 1.13 39.37
CA TRP A 916 21.93 -0.07 40.19
C TRP A 916 20.77 -0.08 41.17
N GLU A 917 20.18 1.07 41.48
CA GLU A 917 19.02 1.38 42.30
C GLU A 917 17.88 1.88 41.43
N PRO A 918 16.64 1.51 41.73
CA PRO A 918 15.50 1.89 40.89
C PRO A 918 14.99 3.29 41.11
N GLU A 919 15.77 4.19 41.70
CA GLU A 919 15.36 5.58 41.89
C GLU A 919 15.63 6.43 40.65
N PHE A 920 15.81 5.81 39.50
CA PHE A 920 15.98 6.48 38.21
C PHE A 920 14.74 6.34 37.34
N TYR A 921 14.23 5.12 37.19
CA TYR A 921 13.07 4.89 36.35
C TYR A 921 11.81 5.42 37.01
N GLU A 922 11.81 5.54 38.34
CA GLU A 922 10.67 6.08 39.05
C GLU A 922 10.50 7.57 38.79
N ALA A 923 11.59 8.27 38.46
CA ALA A 923 11.53 9.70 38.22
C ALA A 923 11.06 10.05 36.82
N MET A 924 11.31 9.18 35.84
CA MET A 924 10.96 9.44 34.44
C MET A 924 9.47 9.37 34.19
N TYR A 925 8.63 9.22 35.20
CA TYR A 925 7.19 9.16 34.99
C TYR A 925 6.40 10.07 35.90
N THR A 926 7.00 10.64 36.93
CA THR A 926 6.45 11.71 37.75
C THR A 926 6.82 13.05 37.12
N PRO A 927 5.88 14.01 37.05
CA PRO A 927 6.15 15.28 36.37
C PRO A 927 7.44 15.97 36.80
N HIS A 928 7.95 16.85 35.93
CA HIS A 928 9.26 17.46 36.14
C HIS A 928 9.34 18.16 37.50
N THR A 929 8.23 18.75 37.94
CA THR A 929 8.18 19.39 39.25
C THR A 929 6.74 19.58 39.70
N LYS B 79 36.47 19.99 -2.21
CA LYS B 79 35.16 19.84 -1.59
C LYS B 79 34.05 20.20 -2.58
N ARG B 80 34.37 21.08 -3.53
CA ARG B 80 33.41 21.53 -4.52
C ARG B 80 33.87 21.22 -5.94
N ALA B 81 35.14 21.48 -6.26
CA ALA B 81 35.67 21.14 -7.57
C ALA B 81 35.55 19.65 -7.83
N LYS B 82 35.79 18.83 -6.81
CA LYS B 82 35.75 17.38 -6.98
C LYS B 82 34.35 16.93 -7.39
N VAL B 83 33.32 17.37 -6.67
CA VAL B 83 31.97 16.93 -6.99
C VAL B 83 31.48 17.54 -8.30
N THR B 84 31.87 18.78 -8.60
CA THR B 84 31.49 19.36 -9.89
C THR B 84 32.08 18.55 -11.04
N SER B 85 33.38 18.25 -10.96
CA SER B 85 33.99 17.42 -11.98
C SER B 85 33.34 16.05 -12.05
N ALA B 86 32.97 15.49 -10.90
CA ALA B 86 32.32 14.17 -10.88
C ALA B 86 31.03 14.21 -11.69
N MET B 87 30.13 15.14 -11.35
CA MET B 87 28.87 15.23 -12.09
C MET B 87 29.09 15.54 -13.57
N GLN B 88 30.07 16.40 -13.87
CA GLN B 88 30.27 16.82 -15.26
C GLN B 88 30.79 15.67 -16.10
N THR B 89 31.83 14.98 -15.64
CA THR B 89 32.34 13.83 -16.38
C THR B 89 31.33 12.69 -16.41
N MET B 90 30.51 12.54 -15.38
CA MET B 90 29.47 11.51 -15.43
C MET B 90 28.47 11.82 -16.55
N LEU B 91 28.05 13.08 -16.64
CA LEU B 91 27.13 13.47 -17.71
C LEU B 91 27.77 13.26 -19.08
N PHE B 92 28.98 13.79 -19.27
CA PHE B 92 29.66 13.67 -20.56
C PHE B 92 30.06 12.24 -20.88
N THR B 93 30.07 11.33 -19.91
CA THR B 93 30.34 9.92 -20.14
C THR B 93 29.09 9.16 -20.54
N MET B 94 27.98 9.35 -19.81
CA MET B 94 26.73 8.78 -20.29
C MET B 94 26.23 9.48 -21.55
N LEU B 95 26.90 10.54 -21.97
CA LEU B 95 26.59 11.21 -23.23
C LEU B 95 27.28 10.58 -24.42
N ARG B 96 28.35 9.81 -24.20
CA ARG B 96 29.00 9.11 -25.29
C ARG B 96 28.05 8.12 -25.97
N LYS B 97 27.38 7.29 -25.17
CA LYS B 97 26.39 6.36 -25.66
C LYS B 97 25.01 7.00 -25.80
N LEU B 98 24.95 8.33 -25.80
CA LEU B 98 23.70 9.07 -25.93
C LEU B 98 23.66 9.98 -27.14
N ASP B 99 24.81 10.41 -27.65
CA ASP B 99 24.86 11.27 -28.85
C ASP B 99 24.97 10.43 -30.13
N ASN B 100 24.07 9.47 -30.28
CA ASN B 100 24.02 8.63 -31.46
C ASN B 100 23.01 9.20 -32.45
N ASP B 101 22.74 8.48 -33.54
CA ASP B 101 21.87 8.98 -34.58
C ASP B 101 20.43 8.50 -34.46
N ALA B 102 20.19 7.40 -33.74
CA ALA B 102 18.81 6.95 -33.53
C ALA B 102 18.03 7.94 -32.69
N LEU B 103 18.66 8.49 -31.66
CA LEU B 103 18.00 9.47 -30.80
C LEU B 103 17.71 10.74 -31.58
N ASN B 104 18.68 11.23 -32.34
CA ASN B 104 18.44 12.39 -33.18
C ASN B 104 17.36 12.12 -34.21
N ASN B 105 17.27 10.88 -34.69
CA ASN B 105 16.21 10.53 -35.64
C ASN B 105 14.84 10.60 -34.99
N ILE B 106 14.72 10.06 -33.78
CA ILE B 106 13.40 10.05 -33.14
C ILE B 106 13.01 11.44 -32.64
N ILE B 107 13.98 12.31 -32.34
CA ILE B 107 13.60 13.65 -31.92
C ILE B 107 13.37 14.56 -33.14
N ASN B 108 13.97 14.23 -34.28
CA ASN B 108 13.66 14.96 -35.51
C ASN B 108 12.26 14.71 -36.02
N ASN B 109 11.55 13.72 -35.46
CA ASN B 109 10.18 13.43 -35.88
C ASN B 109 9.13 14.03 -34.96
N ALA B 110 9.50 14.39 -33.74
CA ALA B 110 8.56 14.98 -32.80
C ALA B 110 8.02 16.31 -33.34
N ARG B 111 6.92 16.77 -32.73
CA ARG B 111 6.28 17.98 -33.21
C ARG B 111 6.98 19.24 -32.74
N ASP B 112 7.58 19.22 -31.55
CA ASP B 112 8.21 20.41 -30.99
C ASP B 112 9.53 20.07 -30.30
N GLY B 113 10.23 19.05 -30.77
CA GLY B 113 11.47 18.66 -30.15
C GLY B 113 11.33 18.12 -28.74
N CYS B 114 10.13 17.66 -28.36
CA CYS B 114 9.85 17.22 -27.01
C CYS B 114 9.17 15.86 -27.07
N VAL B 115 9.80 14.86 -26.48
CA VAL B 115 9.24 13.51 -26.43
C VAL B 115 9.25 13.02 -25.00
N PRO B 116 8.37 12.09 -24.64
CA PRO B 116 8.38 11.54 -23.29
C PRO B 116 9.65 10.73 -23.04
N LEU B 117 9.97 10.56 -21.76
CA LEU B 117 11.20 9.87 -21.40
C LEU B 117 11.05 8.36 -21.51
N ASN B 118 9.87 7.82 -21.15
CA ASN B 118 9.68 6.38 -21.15
C ASN B 118 9.86 5.74 -22.52
N ILE B 119 9.92 6.52 -23.59
CA ILE B 119 10.13 5.96 -24.92
C ILE B 119 11.59 5.98 -25.35
N ILE B 120 12.43 6.79 -24.71
CA ILE B 120 13.82 6.92 -25.15
C ILE B 120 14.56 5.58 -25.08
N PRO B 121 14.60 4.86 -23.94
CA PRO B 121 15.28 3.56 -23.93
C PRO B 121 14.53 2.56 -24.78
N LEU B 122 13.22 2.50 -24.61
CA LEU B 122 12.37 1.57 -25.35
C LEU B 122 12.55 1.67 -26.85
N THR B 123 13.03 2.80 -27.36
CA THR B 123 13.16 3.02 -28.79
C THR B 123 14.59 3.07 -29.30
N THR B 124 15.54 3.53 -28.49
CA THR B 124 16.91 3.72 -28.97
C THR B 124 17.96 2.95 -28.19
N ALA B 125 17.62 2.34 -27.06
CA ALA B 125 18.60 1.55 -26.32
C ALA B 125 18.97 0.31 -27.14
N ALA B 126 20.26 0.05 -27.28
CA ALA B 126 20.76 -0.98 -28.17
C ALA B 126 21.10 -2.28 -27.43
N LYS B 127 20.39 -2.58 -26.35
CA LYS B 127 20.58 -3.82 -25.60
C LYS B 127 19.44 -3.97 -24.62
N LEU B 128 18.89 -5.18 -24.54
CA LEU B 128 17.77 -5.48 -23.67
C LEU B 128 18.23 -6.34 -22.50
N MET B 129 17.64 -6.12 -21.34
CA MET B 129 17.89 -6.94 -20.15
C MET B 129 16.55 -7.34 -19.55
N VAL B 130 16.22 -8.63 -19.62
CA VAL B 130 14.96 -9.15 -19.12
C VAL B 130 15.25 -10.09 -17.97
N VAL B 131 14.64 -9.81 -16.82
CA VAL B 131 14.74 -10.67 -15.65
C VAL B 131 13.59 -11.65 -15.68
N ILE B 132 13.86 -12.90 -15.31
CA ILE B 132 12.93 -14.00 -15.49
C ILE B 132 12.91 -14.85 -14.23
N PRO B 133 11.78 -14.94 -13.52
CA PRO B 133 11.77 -15.59 -12.20
C PRO B 133 11.75 -17.11 -12.26
N ASP B 134 11.10 -17.69 -13.28
CA ASP B 134 10.96 -19.14 -13.34
C ASP B 134 10.94 -19.58 -14.79
N TYR B 135 10.54 -20.82 -15.03
CA TYR B 135 10.56 -21.38 -16.37
C TYR B 135 9.34 -20.99 -17.19
N ASN B 136 8.19 -20.81 -16.54
CA ASN B 136 6.97 -20.55 -17.30
C ASN B 136 7.02 -19.19 -17.98
N THR B 137 7.54 -18.17 -17.29
CA THR B 137 7.68 -16.87 -17.93
C THR B 137 8.78 -16.89 -18.99
N TYR B 138 9.84 -17.65 -18.76
CA TYR B 138 10.88 -17.80 -19.77
C TYR B 138 10.31 -18.38 -21.06
N LYS B 139 9.48 -19.42 -20.92
CA LYS B 139 8.93 -20.10 -22.09
C LYS B 139 8.27 -19.14 -23.06
N ASN B 140 7.48 -18.20 -22.55
CA ASN B 140 6.72 -17.30 -23.40
C ASN B 140 7.30 -15.89 -23.47
N THR B 141 8.48 -15.67 -22.88
CA THR B 141 9.17 -14.39 -23.05
C THR B 141 10.43 -14.48 -23.88
N CYS B 142 11.26 -15.51 -23.69
CA CYS B 142 12.57 -15.58 -24.31
C CYS B 142 12.82 -16.95 -24.94
N ASP B 143 11.83 -17.45 -25.69
CA ASP B 143 11.97 -18.74 -26.34
C ASP B 143 12.78 -18.61 -27.62
N GLY B 144 13.42 -19.71 -28.02
CA GLY B 144 14.27 -19.67 -29.18
C GLY B 144 15.48 -18.78 -28.97
N THR B 145 15.87 -18.07 -30.02
CA THR B 145 16.96 -17.12 -29.96
C THR B 145 16.55 -15.71 -30.34
N THR B 146 15.53 -15.55 -31.19
CA THR B 146 15.09 -14.24 -31.65
C THR B 146 13.66 -14.00 -31.15
N PHE B 147 13.52 -13.15 -30.14
CA PHE B 147 12.22 -12.76 -29.64
C PHE B 147 12.01 -11.27 -29.87
N THR B 148 10.74 -10.85 -29.85
CA THR B 148 10.36 -9.49 -30.20
C THR B 148 9.73 -8.80 -29.00
N TYR B 149 10.49 -7.90 -28.38
CA TYR B 149 9.98 -6.97 -27.38
C TYR B 149 10.27 -5.56 -27.83
N ALA B 150 9.32 -4.65 -27.57
CA ALA B 150 9.40 -3.25 -27.99
C ALA B 150 9.43 -3.13 -29.52
N SER B 151 8.76 -4.06 -30.21
CA SER B 151 8.61 -4.05 -31.66
C SER B 151 9.97 -3.99 -32.37
N ALA B 152 10.76 -5.04 -32.15
CA ALA B 152 12.04 -5.20 -32.80
C ALA B 152 12.54 -6.62 -32.57
N LEU B 153 13.34 -7.11 -33.51
CA LEU B 153 13.99 -8.40 -33.33
C LEU B 153 15.17 -8.27 -32.37
N TRP B 154 15.29 -9.22 -31.46
CA TRP B 154 16.39 -9.24 -30.50
C TRP B 154 17.08 -10.59 -30.56
N GLU B 155 18.40 -10.57 -30.76
CA GLU B 155 19.20 -11.79 -30.76
C GLU B 155 19.81 -11.98 -29.38
N ILE B 156 19.67 -13.20 -28.84
CA ILE B 156 20.03 -13.48 -27.45
C ILE B 156 21.50 -13.85 -27.38
N GLN B 157 22.22 -13.22 -26.45
CA GLN B 157 23.58 -13.60 -26.12
C GLN B 157 23.78 -13.48 -24.61
N GLN B 158 24.59 -14.37 -24.04
CA GLN B 158 25.00 -14.31 -22.64
C GLN B 158 23.77 -14.35 -21.71
N VAL B 159 23.11 -15.50 -21.73
CA VAL B 159 22.07 -15.80 -20.75
C VAL B 159 22.73 -16.22 -19.45
N VAL B 160 22.34 -15.57 -18.36
CA VAL B 160 22.96 -15.77 -17.06
C VAL B 160 21.87 -15.88 -16.01
N ASP B 161 22.20 -16.55 -14.90
CA ASP B 161 21.26 -16.79 -13.81
C ASP B 161 21.66 -16.00 -12.57
N ALA B 162 20.97 -16.26 -11.46
CA ALA B 162 21.09 -15.42 -10.26
C ALA B 162 22.47 -15.46 -9.63
N ASP B 163 23.27 -16.48 -9.93
CA ASP B 163 24.61 -16.59 -9.35
C ASP B 163 25.67 -15.95 -10.24
N SER B 164 25.26 -15.10 -11.19
CA SER B 164 26.17 -14.54 -12.21
C SER B 164 26.93 -15.65 -12.91
N LYS B 165 26.23 -16.75 -13.20
CA LYS B 165 26.80 -17.92 -13.84
C LYS B 165 26.17 -18.10 -15.21
N ILE B 166 27.02 -18.27 -16.24
CA ILE B 166 26.52 -18.41 -17.60
C ILE B 166 25.72 -19.70 -17.71
N VAL B 167 24.57 -19.61 -18.38
CA VAL B 167 23.67 -20.75 -18.56
C VAL B 167 23.42 -20.92 -20.05
N GLN B 168 23.83 -22.07 -20.58
CA GLN B 168 23.61 -22.36 -21.99
C GLN B 168 22.12 -22.49 -22.29
N LEU B 169 21.77 -22.31 -23.56
CA LEU B 169 20.37 -22.38 -23.95
C LEU B 169 19.81 -23.80 -23.87
N SER B 170 20.69 -24.81 -23.80
CA SER B 170 20.22 -26.18 -23.67
C SER B 170 19.88 -26.52 -22.23
N GLU B 171 20.61 -25.95 -21.26
CA GLU B 171 20.37 -26.26 -19.85
C GLU B 171 19.05 -25.70 -19.34
N ILE B 172 18.33 -24.93 -20.13
CA ILE B 172 17.03 -24.40 -19.72
C ILE B 172 15.98 -25.35 -20.30
N SER B 173 15.64 -26.38 -19.52
CA SER B 173 14.63 -27.35 -19.89
C SER B 173 13.69 -27.55 -18.72
N MET B 174 12.48 -28.00 -19.03
CA MET B 174 11.47 -28.20 -17.99
C MET B 174 11.96 -29.15 -16.91
N ASP B 175 12.61 -30.25 -17.31
CA ASP B 175 13.08 -31.22 -16.33
C ASP B 175 14.25 -30.66 -15.51
N ASN B 176 15.11 -29.88 -16.15
CA ASN B 176 16.27 -29.31 -15.47
C ASN B 176 15.97 -27.95 -14.85
N SER B 177 14.79 -27.39 -15.06
CA SER B 177 14.45 -26.11 -14.46
C SER B 177 14.51 -26.12 -12.93
N PRO B 178 14.20 -27.20 -12.21
CA PRO B 178 14.44 -27.21 -10.76
C PRO B 178 15.88 -27.42 -10.34
N ASN B 179 16.83 -27.41 -11.28
CA ASN B 179 18.24 -27.58 -10.97
C ASN B 179 19.06 -26.31 -11.13
N LEU B 180 18.47 -25.25 -11.65
CA LEU B 180 19.16 -23.98 -11.85
C LEU B 180 18.48 -22.89 -11.05
N ALA B 181 19.21 -21.79 -10.83
CA ALA B 181 18.70 -20.69 -10.05
C ALA B 181 17.41 -20.15 -10.66
N TRP B 182 16.54 -19.61 -9.81
CA TRP B 182 15.24 -19.15 -10.30
C TRP B 182 15.36 -17.91 -11.17
N PRO B 183 15.93 -16.78 -10.69
CA PRO B 183 15.94 -15.56 -11.51
C PRO B 183 17.09 -15.57 -12.52
N LEU B 184 16.74 -15.59 -13.80
CA LEU B 184 17.72 -15.47 -14.87
C LEU B 184 17.83 -14.02 -15.32
N ILE B 185 18.86 -13.74 -16.11
CA ILE B 185 19.02 -12.43 -16.73
C ILE B 185 19.43 -12.64 -18.18
N VAL B 186 18.45 -12.55 -19.10
CA VAL B 186 18.70 -12.74 -20.52
C VAL B 186 18.99 -11.38 -21.14
N THR B 187 20.06 -11.30 -21.93
CA THR B 187 20.52 -10.06 -22.53
C THR B 187 20.51 -10.20 -24.05
N ALA B 188 19.85 -9.27 -24.72
CA ALA B 188 19.75 -9.29 -26.16
C ALA B 188 20.35 -8.02 -26.75
N LEU B 189 20.61 -8.06 -28.06
CA LEU B 189 21.09 -6.91 -28.80
C LEU B 189 20.12 -6.58 -29.92
N ARG B 190 19.93 -5.29 -30.17
CA ARG B 190 18.97 -4.84 -31.18
C ARG B 190 19.36 -5.34 -32.55
N ALA B 191 18.58 -6.26 -33.10
CA ALA B 191 18.88 -6.86 -34.39
C ALA B 191 18.29 -6.02 -35.50
N ASN B 192 19.15 -5.44 -36.33
CA ASN B 192 18.69 -4.62 -37.44
C ASN B 192 18.24 -5.49 -38.61
N SER C 1 10.25 -25.08 28.10
CA SER C 1 11.50 -24.33 28.06
C SER C 1 12.38 -24.81 26.92
N LYS C 2 11.86 -25.75 26.14
CA LYS C 2 12.57 -26.30 24.99
C LYS C 2 12.08 -25.68 23.68
N MET C 3 11.72 -24.42 23.72
CA MET C 3 11.38 -23.67 22.51
C MET C 3 12.18 -22.40 22.36
N SER C 4 12.46 -21.69 23.47
CA SER C 4 13.25 -20.48 23.39
C SER C 4 14.71 -20.79 23.05
N ASP C 5 15.30 -21.77 23.73
CA ASP C 5 16.66 -22.18 23.41
C ASP C 5 16.74 -22.72 21.99
N VAL C 6 15.70 -23.41 21.53
CA VAL C 6 15.69 -23.93 20.18
C VAL C 6 15.66 -22.80 19.16
N LYS C 7 14.80 -21.81 19.37
CA LYS C 7 14.75 -20.66 18.46
C LYS C 7 16.08 -19.92 18.44
N CYS C 8 16.70 -19.73 19.62
CA CYS C 8 17.94 -18.98 19.68
C CYS C 8 19.09 -19.76 19.01
N THR C 9 19.11 -21.08 19.20
CA THR C 9 20.12 -21.88 18.52
C THR C 9 19.88 -21.96 17.02
N SER C 10 18.62 -21.87 16.58
CA SER C 10 18.37 -21.76 15.15
C SER C 10 18.89 -20.44 14.60
N VAL C 11 18.74 -19.36 15.37
CA VAL C 11 19.29 -18.07 14.97
C VAL C 11 20.81 -18.16 14.83
N VAL C 12 21.47 -18.73 15.83
CA VAL C 12 22.93 -18.83 15.74
C VAL C 12 23.33 -19.80 14.63
N LEU C 13 22.47 -20.77 14.30
CA LEU C 13 22.75 -21.68 13.18
C LEU C 13 22.73 -20.94 11.86
N LEU C 14 21.68 -20.14 11.62
CA LEU C 14 21.65 -19.36 10.39
C LEU C 14 22.81 -18.37 10.33
N SER C 15 23.20 -17.83 11.50
CA SER C 15 24.34 -16.92 11.53
C SER C 15 25.63 -17.62 11.11
N VAL C 16 25.91 -18.79 11.69
CA VAL C 16 27.14 -19.50 11.34
C VAL C 16 27.06 -20.01 9.90
N LEU C 17 25.84 -20.25 9.40
CA LEU C 17 25.70 -20.61 7.99
C LEU C 17 26.13 -19.48 7.09
N GLN C 18 25.57 -18.28 7.29
CA GLN C 18 25.98 -17.15 6.46
C GLN C 18 27.46 -16.82 6.64
N GLN C 19 28.01 -17.04 7.84
CA GLN C 19 29.41 -16.75 8.08
C GLN C 19 30.36 -17.53 7.18
N LEU C 20 29.87 -18.52 6.45
CA LEU C 20 30.69 -19.33 5.56
C LEU C 20 30.50 -18.99 4.10
N ARG C 21 30.01 -17.78 3.80
CA ARG C 21 29.74 -17.32 2.44
C ARG C 21 28.73 -18.21 1.72
N VAL C 22 27.87 -18.88 2.49
CA VAL C 22 26.80 -19.67 1.90
C VAL C 22 25.79 -18.78 1.20
N GLU C 23 25.74 -17.49 1.54
CA GLU C 23 24.83 -16.53 0.93
C GLU C 23 25.15 -16.27 -0.54
N SER C 24 26.09 -17.00 -1.14
CA SER C 24 26.46 -16.83 -2.54
C SER C 24 25.74 -17.82 -3.45
N SER C 25 24.52 -18.21 -3.09
CA SER C 25 23.70 -19.08 -3.92
C SER C 25 22.24 -18.67 -3.75
N SER C 26 21.39 -19.16 -4.65
CA SER C 26 19.97 -18.88 -4.59
C SER C 26 19.19 -19.96 -3.84
N LYS C 27 19.24 -21.20 -4.34
CA LYS C 27 18.46 -22.28 -3.76
C LYS C 27 18.87 -22.55 -2.32
N LEU C 28 20.17 -22.68 -2.07
CA LEU C 28 20.64 -23.04 -0.74
C LEU C 28 20.25 -21.99 0.28
N TRP C 29 20.52 -20.71 -0.02
CA TRP C 29 20.22 -19.67 0.95
C TRP C 29 18.73 -19.47 1.12
N ALA C 30 17.95 -19.59 0.04
CA ALA C 30 16.50 -19.47 0.17
C ALA C 30 15.95 -20.56 1.08
N GLN C 31 16.41 -21.80 0.90
CA GLN C 31 15.91 -22.88 1.74
C GLN C 31 16.38 -22.71 3.18
N CYS C 32 17.62 -22.26 3.38
CA CYS C 32 18.13 -22.04 4.72
C CYS C 32 17.32 -20.98 5.46
N VAL C 33 17.04 -19.86 4.78
CA VAL C 33 16.30 -18.80 5.45
C VAL C 33 14.86 -19.21 5.67
N GLN C 34 14.29 -20.03 4.78
CA GLN C 34 12.95 -20.54 5.02
C GLN C 34 12.92 -21.44 6.25
N LEU C 35 13.93 -22.30 6.40
CA LEU C 35 14.05 -23.12 7.61
C LEU C 35 14.12 -22.24 8.85
N HIS C 36 14.99 -21.23 8.84
CA HIS C 36 15.16 -20.38 10.02
C HIS C 36 13.86 -19.65 10.35
N ASN C 37 13.17 -19.13 9.33
CA ASN C 37 11.92 -18.41 9.57
C ASN C 37 10.85 -19.33 10.12
N ASP C 38 10.71 -20.53 9.56
CA ASP C 38 9.69 -21.44 10.05
C ASP C 38 10.04 -22.05 11.40
N ILE C 39 11.31 -22.02 11.79
CA ILE C 39 11.66 -22.36 13.17
C ILE C 39 11.22 -21.25 14.10
N LEU C 40 11.59 -20.01 13.77
CA LEU C 40 11.28 -18.89 14.65
C LEU C 40 9.78 -18.73 14.83
N LEU C 41 9.01 -18.84 13.76
CA LEU C 41 7.57 -18.67 13.82
C LEU C 41 6.84 -19.89 14.39
N ALA C 42 7.57 -20.86 14.95
CA ALA C 42 6.97 -22.08 15.43
C ALA C 42 6.70 -22.02 16.92
N LYS C 43 5.85 -22.93 17.39
CA LYS C 43 5.55 -23.06 18.81
C LYS C 43 5.79 -24.50 19.26
N ASP C 44 5.54 -25.45 18.36
CA ASP C 44 5.75 -26.85 18.65
C ASP C 44 7.22 -27.13 18.91
N THR C 45 7.48 -28.15 19.73
CA THR C 45 8.85 -28.52 20.06
C THR C 45 9.45 -29.51 19.08
N THR C 46 8.62 -30.20 18.29
CA THR C 46 9.09 -31.25 17.40
C THR C 46 9.43 -30.74 16.00
N GLU C 47 8.53 -29.95 15.41
CA GLU C 47 8.80 -29.37 14.10
C GLU C 47 10.07 -28.52 14.15
N ALA C 48 10.26 -27.78 15.24
CA ALA C 48 11.49 -27.02 15.41
C ALA C 48 12.70 -27.93 15.46
N PHE C 49 12.58 -29.09 16.10
CA PHE C 49 13.68 -30.05 16.10
C PHE C 49 14.00 -30.55 14.70
N GLU C 50 12.96 -30.86 13.91
CA GLU C 50 13.18 -31.37 12.57
C GLU C 50 13.86 -30.33 11.69
N LYS C 51 13.38 -29.09 11.75
CA LYS C 51 14.01 -28.05 10.94
C LYS C 51 15.41 -27.72 11.46
N MET C 52 15.65 -27.89 12.77
CA MET C 52 16.99 -27.71 13.31
C MET C 52 17.95 -28.77 12.76
N VAL C 53 17.53 -30.03 12.78
CA VAL C 53 18.41 -31.08 12.28
C VAL C 53 18.60 -30.95 10.78
N SER C 54 17.62 -30.38 10.07
CA SER C 54 17.83 -30.12 8.65
C SER C 54 18.84 -29.00 8.42
N LEU C 55 18.77 -27.92 9.21
CA LEU C 55 19.81 -26.90 9.17
C LEU C 55 21.18 -27.49 9.50
N LEU C 56 21.23 -28.42 10.44
CA LEU C 56 22.51 -29.02 10.80
C LEU C 56 23.02 -29.91 9.66
N SER C 57 22.12 -30.60 8.96
CA SER C 57 22.51 -31.32 7.76
C SER C 57 23.11 -30.37 6.74
N VAL C 58 22.51 -29.20 6.57
CA VAL C 58 23.08 -28.18 5.69
C VAL C 58 24.49 -27.83 6.14
N LEU C 59 24.65 -27.53 7.44
CA LEU C 59 25.95 -27.11 7.95
C LEU C 59 27.01 -28.18 7.78
N LEU C 60 26.65 -29.45 7.88
CA LEU C 60 27.61 -30.53 7.77
C LEU C 60 27.80 -31.01 6.33
N SER C 61 26.93 -30.62 5.40
CA SER C 61 27.13 -30.97 4.00
C SER C 61 28.47 -30.45 3.49
N MET C 62 28.90 -29.29 3.98
CA MET C 62 30.21 -28.74 3.63
C MET C 62 31.25 -29.29 4.59
N GLN C 63 32.46 -28.75 4.55
CA GLN C 63 33.58 -29.23 5.36
C GLN C 63 34.30 -28.05 6.02
N GLY C 64 33.53 -27.16 6.63
CA GLY C 64 34.10 -26.00 7.29
C GLY C 64 34.52 -26.27 8.72
N ALA C 65 33.83 -27.19 9.39
CA ALA C 65 34.16 -27.57 10.76
C ALA C 65 33.54 -28.92 11.04
N VAL C 66 34.34 -29.85 11.57
CA VAL C 66 33.88 -31.22 11.76
C VAL C 66 34.02 -31.68 13.21
N ASP C 67 35.23 -31.59 13.76
CA ASP C 67 35.52 -32.17 15.08
C ASP C 67 36.37 -31.24 15.92
N ILE C 68 36.03 -29.95 15.90
CA ILE C 68 36.73 -28.88 16.62
C ILE C 68 38.22 -29.13 16.84
N THR D 84 34.61 -15.56 14.41
CA THR D 84 34.68 -16.72 13.53
C THR D 84 34.44 -18.02 14.31
N SER D 85 35.40 -18.40 15.14
CA SER D 85 35.28 -19.62 15.93
C SER D 85 34.40 -19.46 17.15
N ALA D 86 34.11 -18.23 17.57
CA ALA D 86 33.26 -18.02 18.73
C ALA D 86 31.83 -18.45 18.45
N MET D 87 31.31 -18.15 17.25
CA MET D 87 29.96 -18.57 16.91
C MET D 87 29.86 -20.09 16.82
N GLN D 88 30.86 -20.73 16.22
CA GLN D 88 30.87 -22.19 16.16
C GLN D 88 30.93 -22.80 17.55
N THR D 89 31.74 -22.21 18.44
CA THR D 89 31.84 -22.71 19.81
C THR D 89 30.51 -22.59 20.54
N MET D 90 29.89 -21.40 20.47
CA MET D 90 28.59 -21.21 21.11
C MET D 90 27.56 -22.17 20.54
N LEU D 91 27.59 -22.39 19.22
CA LEU D 91 26.66 -23.30 18.59
C LEU D 91 26.84 -24.72 19.12
N PHE D 92 28.08 -25.18 19.21
CA PHE D 92 28.32 -26.55 19.67
C PHE D 92 27.95 -26.71 21.13
N THR D 93 28.23 -25.70 21.97
CA THR D 93 27.84 -25.77 23.37
C THR D 93 26.32 -25.83 23.52
N MET D 94 25.60 -24.89 22.88
CA MET D 94 24.15 -24.91 23.03
C MET D 94 23.47 -25.89 22.10
N LEU D 95 24.22 -26.71 21.38
CA LEU D 95 23.69 -27.94 20.80
C LEU D 95 23.88 -29.11 21.75
N ARG D 96 25.00 -29.14 22.47
CA ARG D 96 25.20 -30.08 23.57
C ARG D 96 24.44 -29.66 24.83
N LYS D 97 23.64 -28.61 24.76
CA LYS D 97 22.74 -28.23 25.84
C LYS D 97 21.30 -28.64 25.55
N LEU D 98 20.89 -28.64 24.29
CA LEU D 98 19.53 -29.05 23.94
C LEU D 98 19.31 -30.53 24.23
N ASP D 99 20.25 -31.37 23.81
CA ASP D 99 20.23 -32.82 24.08
C ASP D 99 18.99 -33.49 23.49
N ASN D 100 18.87 -33.43 22.17
CA ASN D 100 17.84 -34.15 21.45
C ASN D 100 18.43 -35.40 20.79
N ASP D 101 17.55 -36.35 20.48
CA ASP D 101 17.99 -37.64 19.97
C ASP D 101 18.52 -37.52 18.55
N ALA D 102 17.69 -37.02 17.63
CA ALA D 102 18.13 -36.88 16.24
C ALA D 102 19.30 -35.93 16.11
N LEU D 103 19.35 -34.91 16.96
CA LEU D 103 20.44 -33.94 16.91
C LEU D 103 21.79 -34.61 17.15
N ASN D 104 21.92 -35.29 18.28
CA ASN D 104 23.17 -36.00 18.58
C ASN D 104 23.41 -37.15 17.62
N ASN D 105 22.36 -37.74 17.07
CA ASN D 105 22.52 -38.74 16.01
C ASN D 105 23.27 -38.16 14.83
N ILE D 106 22.77 -37.03 14.32
CA ILE D 106 23.41 -36.37 13.18
C ILE D 106 24.83 -35.95 13.54
N ILE D 107 25.02 -35.43 14.76
CA ILE D 107 26.36 -34.96 15.14
C ILE D 107 27.34 -36.13 15.21
N ASN D 108 26.91 -37.27 15.76
CA ASN D 108 27.79 -38.42 15.83
C ASN D 108 28.13 -38.96 14.45
N ASN D 109 27.12 -39.06 13.58
CA ASN D 109 27.38 -39.55 12.23
C ASN D 109 28.32 -38.62 11.47
N ALA D 110 28.19 -37.31 11.69
CA ALA D 110 29.12 -36.38 11.05
C ALA D 110 30.49 -36.42 11.70
N ARG D 111 30.57 -36.83 12.97
CA ARG D 111 31.86 -36.96 13.63
C ARG D 111 32.63 -38.15 13.10
N ASP D 112 31.96 -39.29 12.93
CA ASP D 112 32.65 -40.49 12.48
C ASP D 112 32.61 -40.69 10.97
N GLY D 113 32.23 -39.67 10.20
CA GLY D 113 32.36 -39.73 8.76
C GLY D 113 31.08 -39.56 7.97
N CYS D 114 29.97 -40.06 8.49
CA CYS D 114 28.71 -40.07 7.73
C CYS D 114 28.22 -38.64 7.53
N VAL D 115 28.30 -38.17 6.29
CA VAL D 115 27.93 -36.81 5.92
C VAL D 115 26.77 -36.90 4.94
N PRO D 116 25.67 -36.17 5.16
CA PRO D 116 24.57 -36.16 4.18
C PRO D 116 24.94 -35.29 2.98
N LEU D 117 24.92 -35.88 1.79
CA LEU D 117 25.36 -35.18 0.59
C LEU D 117 24.41 -34.07 0.17
N ASN D 118 23.27 -33.94 0.82
CA ASN D 118 22.32 -32.88 0.51
C ASN D 118 21.59 -32.51 1.80
N ILE D 119 20.49 -31.78 1.68
CA ILE D 119 19.69 -31.40 2.83
C ILE D 119 18.61 -32.45 3.06
N ILE D 120 18.51 -32.93 4.29
CA ILE D 120 17.56 -33.98 4.65
C ILE D 120 16.15 -33.50 4.35
N PRO D 121 15.43 -34.14 3.42
CA PRO D 121 14.08 -33.71 3.11
C PRO D 121 13.05 -34.29 4.07
N LEU D 122 11.90 -33.63 4.13
CA LEU D 122 10.84 -34.04 5.04
C LEU D 122 9.49 -34.06 4.34
N LYS D 127 14.36 -38.92 -0.29
CA LYS D 127 15.55 -39.03 -1.10
C LYS D 127 16.75 -38.39 -0.40
N LEU D 128 17.49 -39.19 0.36
CA LEU D 128 18.64 -38.73 1.11
C LEU D 128 19.89 -39.48 0.67
N MET D 129 21.00 -38.77 0.57
CA MET D 129 22.27 -39.35 0.19
C MET D 129 23.29 -39.12 1.30
N VAL D 130 24.00 -40.17 1.69
CA VAL D 130 25.01 -40.09 2.73
C VAL D 130 26.28 -40.80 2.26
N VAL D 131 27.42 -40.30 2.71
CA VAL D 131 28.72 -40.89 2.43
C VAL D 131 29.21 -41.62 3.66
N ILE D 132 29.85 -42.77 3.46
CA ILE D 132 30.40 -43.57 4.55
C ILE D 132 31.89 -43.79 4.26
N PRO D 133 32.78 -42.98 4.83
CA PRO D 133 34.21 -43.08 4.49
C PRO D 133 34.88 -44.36 4.92
N ASP D 134 34.15 -45.31 5.51
CA ASP D 134 34.73 -46.58 5.93
C ASP D 134 33.63 -47.63 5.94
N TYR D 135 33.95 -48.80 6.51
CA TYR D 135 32.98 -49.86 6.71
C TYR D 135 32.90 -50.35 8.14
N ASN D 136 33.93 -50.13 8.96
CA ASN D 136 33.91 -50.55 10.36
C ASN D 136 32.88 -49.79 11.17
N THR D 137 32.54 -48.56 10.77
CA THR D 137 31.52 -47.77 11.44
C THR D 137 30.19 -47.78 10.68
N TYR D 138 30.01 -48.71 9.75
CA TYR D 138 28.79 -48.80 8.96
C TYR D 138 27.88 -49.95 9.38
N LYS D 139 28.46 -51.05 9.86
CA LYS D 139 27.67 -52.22 10.25
C LYS D 139 26.65 -51.89 11.34
N ASN D 140 26.86 -50.81 12.10
CA ASN D 140 26.00 -50.48 13.21
C ASN D 140 24.75 -49.70 12.83
N THR D 141 24.70 -49.12 11.64
CA THR D 141 23.64 -48.18 11.27
C THR D 141 22.63 -48.74 10.29
N CYS D 142 23.06 -49.40 9.22
CA CYS D 142 22.15 -49.89 8.19
C CYS D 142 22.18 -51.41 8.13
N ASP D 143 21.00 -52.00 7.84
CA ASP D 143 20.88 -53.44 7.70
C ASP D 143 19.71 -53.71 6.77
N GLY D 144 20.01 -54.00 5.50
CA GLY D 144 18.95 -54.29 4.54
C GLY D 144 18.15 -53.04 4.22
N THR D 145 16.83 -53.22 4.11
CA THR D 145 15.93 -52.11 3.80
C THR D 145 15.72 -51.18 4.98
N THR D 146 16.18 -51.55 6.17
CA THR D 146 16.09 -50.69 7.34
C THR D 146 17.32 -49.79 7.41
N PHE D 147 17.09 -48.51 7.68
CA PHE D 147 18.17 -47.53 7.76
C PHE D 147 17.80 -46.52 8.86
N THR D 148 18.60 -46.52 9.93
CA THR D 148 18.33 -45.68 11.10
C THR D 148 19.13 -44.39 10.97
N TYR D 149 18.43 -43.28 10.77
CA TYR D 149 19.04 -41.98 10.58
C TYR D 149 17.98 -40.92 10.75
N ALA D 150 18.36 -39.80 11.39
CA ALA D 150 17.44 -38.71 11.69
C ALA D 150 16.30 -39.15 12.60
N SER D 151 16.58 -40.13 13.46
CA SER D 151 15.61 -40.71 14.39
C SER D 151 14.38 -41.27 13.69
N ALA D 152 14.46 -41.47 12.38
CA ALA D 152 13.37 -42.02 11.59
C ALA D 152 13.91 -43.17 10.75
N LEU D 153 13.02 -43.86 10.05
CA LEU D 153 13.40 -44.99 9.22
C LEU D 153 13.70 -44.52 7.80
N TRP D 154 14.73 -45.10 7.21
CA TRP D 154 15.07 -44.88 5.80
C TRP D 154 15.19 -46.24 5.12
N GLU D 155 15.24 -46.21 3.79
CA GLU D 155 15.28 -47.45 3.01
C GLU D 155 16.07 -47.21 1.73
N ILE D 156 17.20 -47.93 1.60
CA ILE D 156 18.03 -47.79 0.41
C ILE D 156 17.27 -48.24 -0.82
N GLN D 157 17.51 -47.56 -1.95
CA GLN D 157 16.98 -47.97 -3.24
C GLN D 157 18.07 -48.44 -4.20
N GLN D 158 19.25 -47.83 -4.16
CA GLN D 158 20.40 -48.29 -4.93
C GLN D 158 21.66 -47.68 -4.34
N VAL D 159 22.72 -48.48 -4.25
CA VAL D 159 23.97 -48.08 -3.65
C VAL D 159 24.96 -47.71 -4.75
N VAL D 160 25.73 -46.66 -4.52
CA VAL D 160 26.72 -46.17 -5.48
C VAL D 160 28.09 -46.23 -4.81
N ASP D 161 29.11 -46.56 -5.61
CA ASP D 161 30.48 -46.59 -5.16
C ASP D 161 31.29 -45.51 -5.88
N ALA D 162 32.60 -45.49 -5.63
CA ALA D 162 33.46 -44.47 -6.23
C ALA D 162 33.52 -44.60 -7.74
N ASP D 163 33.70 -45.82 -8.25
CA ASP D 163 33.78 -46.06 -9.68
C ASP D 163 32.41 -46.22 -10.34
N SER D 164 31.34 -45.81 -9.66
CA SER D 164 29.99 -45.74 -10.23
C SER D 164 29.50 -47.11 -10.67
N LYS D 165 29.42 -48.03 -9.70
CA LYS D 165 28.83 -49.35 -9.92
C LYS D 165 27.80 -49.59 -8.83
N ILE D 166 26.74 -50.31 -9.20
CA ILE D 166 25.62 -50.54 -8.28
C ILE D 166 25.96 -51.69 -7.35
N VAL D 167 26.55 -51.38 -6.20
CA VAL D 167 26.96 -52.39 -5.23
C VAL D 167 25.72 -52.92 -4.51
N GLN D 168 25.29 -54.11 -4.89
CA GLN D 168 24.18 -54.75 -4.19
C GLN D 168 24.55 -55.02 -2.74
N LEU D 169 23.58 -54.88 -1.85
CA LEU D 169 23.86 -54.79 -0.41
C LEU D 169 24.28 -56.12 0.21
N SER D 170 24.52 -57.20 -0.53
CA SER D 170 25.15 -58.38 0.04
C SER D 170 26.60 -58.52 -0.39
N GLU D 171 27.14 -57.52 -1.08
CA GLU D 171 28.56 -57.51 -1.45
C GLU D 171 29.44 -57.16 -0.26
N ILE D 172 28.89 -56.43 0.72
CA ILE D 172 29.66 -56.04 1.90
C ILE D 172 30.06 -57.29 2.67
N SER D 173 31.36 -57.56 2.69
CA SER D 173 31.91 -58.70 3.42
C SER D 173 33.31 -58.34 3.90
N MET D 174 33.91 -59.24 4.67
CA MET D 174 35.21 -59.01 5.27
C MET D 174 36.37 -59.47 4.38
N ASP D 175 36.09 -59.80 3.13
CA ASP D 175 37.12 -60.28 2.21
C ASP D 175 37.28 -59.38 1.00
N ASN D 176 36.18 -58.99 0.36
CA ASN D 176 36.20 -58.11 -0.81
C ASN D 176 36.06 -56.64 -0.44
N SER D 177 36.53 -56.26 0.75
CA SER D 177 36.35 -54.88 1.20
C SER D 177 37.31 -53.90 0.54
N PRO D 178 38.63 -54.15 0.47
CA PRO D 178 39.55 -53.09 0.01
C PRO D 178 39.64 -52.95 -1.50
N ASN D 179 38.65 -53.46 -2.23
CA ASN D 179 38.64 -53.39 -3.68
C ASN D 179 37.98 -52.12 -4.21
N LEU D 180 37.92 -51.06 -3.41
CA LEU D 180 37.19 -49.86 -3.80
C LEU D 180 37.63 -48.69 -2.92
N ALA D 181 37.28 -47.49 -3.36
CA ALA D 181 37.43 -46.30 -2.54
C ALA D 181 36.21 -46.18 -1.63
N TRP D 182 36.46 -46.05 -0.34
CA TRP D 182 35.42 -46.23 0.69
C TRP D 182 34.23 -45.28 0.64
N PRO D 183 34.33 -44.05 0.09
CA PRO D 183 33.11 -43.24 -0.02
C PRO D 183 32.07 -43.88 -0.92
N LEU D 184 30.96 -44.32 -0.31
CA LEU D 184 29.89 -45.00 -1.02
C LEU D 184 28.59 -44.25 -0.79
N ILE D 185 27.93 -43.86 -1.88
CA ILE D 185 26.70 -43.09 -1.81
C ILE D 185 25.54 -44.05 -1.53
N VAL D 186 24.78 -43.76 -0.48
CA VAL D 186 23.58 -44.52 -0.13
C VAL D 186 22.38 -43.64 -0.41
N THR D 187 21.51 -44.10 -1.30
CA THR D 187 20.32 -43.35 -1.71
C THR D 187 19.10 -43.99 -1.06
N ALA D 188 18.54 -43.33 -0.05
CA ALA D 188 17.46 -43.87 0.75
C ALA D 188 16.16 -43.12 0.46
N LEU D 189 15.12 -43.51 1.18
CA LEU D 189 13.81 -42.89 1.05
C LEU D 189 13.06 -43.05 2.36
N ARG D 190 11.97 -42.30 2.50
CA ARG D 190 11.21 -42.26 3.74
C ARG D 190 10.28 -43.46 3.83
N ALA D 191 9.40 -43.47 4.83
CA ALA D 191 8.46 -44.56 5.02
C ALA D 191 7.32 -44.49 4.00
#